data_7E33
#
_entry.id   7E33
#
loop_
_entity.id
_entity.type
_entity.pdbx_description
1 polymer 'Guanine nucleotide-binding protein G(i) subunit alpha-1'
2 polymer 'Guanine nucleotide-binding protein G(I)/G(S)/G(T) subunit beta-1'
3 polymer scFv16
4 polymer 'Guanine nucleotide-binding protein G(I)/G(S)/G(O) subunit gamma-2'
5 polymer 'Soluble cytochrome b562,5-hydroxytryptamine receptor 1E'
6 non-polymer 3-(1-methylpiperidin-4-yl)-1H-indol-5-ol
#
loop_
_entity_poly.entity_id
_entity_poly.type
_entity_poly.pdbx_seq_one_letter_code
_entity_poly.pdbx_strand_id
1 'polypeptide(L)'
;MGCTLSAEDKAAVERSKMIDRNLREDGEKAAREVKLLLLGAGESGKNTIVKQMKIIHEAGYSEEECKQYKAVVYSNTIQS
IIAIIRAMGRLKIDFGDSARADDARQLFVLAGAAEEGFMTAELAGVIKRLWKDSGVQACFNRSREYQLNDSAAYYLNDLD
RIAQPNYIPTQQDVLRTRVKTTGIVETHFTFKDLHFKMFDVGAQRSERKKWIHCFEGVTAIIFCVALSDYDLVLAEDEEM
NRMHASMKLFDSICNNKWFTDTSIILFLNKKDLFEEKIKKSPLTICYPEYAGSNTYEEAAAYIQCQFEDLNKRKDTKEIY
THFTCSTDTKNVQFVFDAVTDVIIKNNLKDCGLF
;
A
2 'polypeptide(L)'
;MGSLLQSELDQLRQEAEQLKNQIRDARKACADATLSQITNNIDPVGRIQMRTRRTLRGHLAKIYAMHWGTDSRLLVSASQ
DGKLIIWDSYTTNKVHAIPLRSSWVMTCAYAPSGNYVACGGLDNICSIYNLKTREGNVRVSRELAGHTGYLSCCRFLDDN
QIVTSSGDTTCALWDIETGQQTTTFTGHTGDVMSLSLAPDTRLFVSGACDASAKLWDVREGMCRQTFTGHESDINAICFF
PNGNAFATGSDDATCRLFDLRADQELMTYSHDNIICGITSVSFSKSGRLLLAGYDDFNCNVWDALKADRAGVLAGHDNRV
SCLGVTDDGMAVATGSWDSFLKIWN
;
B
3 'polypeptide(L)'
;DVQLVESGGGLVQPGGSRKLSCSASGFAFSSFGMHWVRQAPEKGLEWVAYISSGSGTIYYADTVKGRFTISRDDPKNTLF
LQMTSLRSEDTAMYYCVRSIYYYGSSPFDFWGQGTTLTVSSGGGGSGGGGSGGGGSDIVMTQATSSVPVTPGESVSISCR
SSKSLLHSNGNTYLYWFLQRPGQSPQLLIYRMSNLASGVPDRFSGSGSGTAFTLTISRLEAEDVGVYYCMQHLEYPLTFG
AGTKLELK
;
E
4 'polypeptide(L)' MASNNTASIAQARKLVEQLKMEANIDRIKVSKAAADLMAYCEAHAKEDPLLTPVPASENPFREKKFFCAIL G
5 'polypeptide(L)'
;DYKDDDDAKLQTMHHHHHHHHHHADLEDNWETLNDNLKVIEKADNAAQVKDALTKMRAAALDAQKATPPKLEDKSPDSPE
MKDFRHGFDILVGQIDDALKLANEGKVKEAQAAAEQLKTTRNAYIQKYLASENLYFQGGTNITNCTTEASMAIRPKTITE
KMLICMTLVVITTLTTLLNLAVIMAIGTTKKLHQPANYLICSLAVTDLLVAVLVMPLSIIYIVMDRWKLGYFLCEVWLSV
DMTCCTCSIWHLCVIALDRYWAITNAIEYARKRTAKRAALMILTVWTISIFISMPPLFWRSHRRLSPPPSQCTIQHDHVI
YTIYSTLGAFYIPLTLILILYYRIYHAAKSLYQKRGSSRHLSNRSTDSQNSFASCKLTQTFCVSDFSTSDPTTEFEKFHA
SIRIPPFDNDLDHPGERQQISSTRERKAARILGLILGAFILSWLPFFIKELIVGLSIYTVSSEVADFLTWLGYVNSLINP
LLYTSFNEDFKLAFKKLIRCREHT
;
R
#
# COMPACT_ATOMS: atom_id res chain seq x y z
N THR A 4 -19.66 -18.60 10.42
CA THR A 4 -18.79 -18.71 9.21
C THR A 4 -17.34 -18.95 9.61
N LEU A 5 -16.68 -17.90 10.07
CA LEU A 5 -15.29 -18.02 10.48
C LEU A 5 -15.15 -18.90 11.71
N SER A 6 -14.11 -19.72 11.73
CA SER A 6 -13.83 -20.58 12.86
C SER A 6 -13.10 -19.78 13.95
N ALA A 7 -12.73 -20.47 15.03
CA ALA A 7 -12.02 -19.80 16.12
C ALA A 7 -10.69 -19.24 15.66
N GLU A 8 -9.92 -20.03 14.91
CA GLU A 8 -8.63 -19.54 14.42
C GLU A 8 -8.81 -18.48 13.33
N ASP A 9 -9.85 -18.65 12.50
CA ASP A 9 -10.11 -17.64 11.46
C ASP A 9 -10.44 -16.29 12.08
N LYS A 10 -11.21 -16.29 13.17
CA LYS A 10 -11.48 -15.05 13.89
C LYS A 10 -10.18 -14.45 14.44
N ALA A 11 -9.32 -15.31 15.00
CA ALA A 11 -8.03 -14.82 15.50
C ALA A 11 -7.16 -14.28 14.36
N ALA A 12 -7.19 -14.95 13.21
CA ALA A 12 -6.43 -14.45 12.06
C ALA A 12 -6.97 -13.09 11.61
N VAL A 13 -8.30 -12.93 11.61
CA VAL A 13 -8.88 -11.65 11.22
C VAL A 13 -8.51 -10.57 12.23
N GLU A 14 -8.46 -10.93 13.52
CA GLU A 14 -8.05 -9.96 14.53
C GLU A 14 -6.59 -9.56 14.34
N ARG A 15 -5.73 -10.52 14.01
CA ARG A 15 -4.34 -10.19 13.71
C ARG A 15 -4.24 -9.28 12.50
N SER A 16 -5.05 -9.55 11.47
CA SER A 16 -5.06 -8.68 10.29
C SER A 16 -5.53 -7.28 10.65
N LYS A 17 -6.53 -7.17 11.53
CA LYS A 17 -6.99 -5.85 11.96
C LYS A 17 -5.92 -5.11 12.75
N MET A 18 -5.19 -5.81 13.62
CA MET A 18 -4.09 -5.19 14.33
C MET A 18 -3.01 -4.71 13.36
N ILE A 19 -2.70 -5.54 12.36
CA ILE A 19 -1.73 -5.13 11.34
C ILE A 19 -2.23 -3.90 10.60
N ASP A 20 -3.52 -3.86 10.29
CA ASP A 20 -4.10 -2.69 9.62
C ASP A 20 -3.96 -1.44 10.47
N ARG A 21 -4.22 -1.56 11.77
CA ARG A 21 -4.08 -0.41 12.66
C ARG A 21 -2.63 0.06 12.71
N ASN A 22 -1.68 -0.88 12.80
CA ASN A 22 -0.27 -0.50 12.80
C ASN A 22 0.11 0.17 11.48
N LEU A 23 -0.38 -0.36 10.36
CA LEU A 23 -0.09 0.24 9.06
C LEU A 23 -0.63 1.65 8.97
N ARG A 24 -1.87 1.85 9.45
CA ARG A 24 -2.46 3.18 9.42
C ARG A 24 -1.67 4.15 10.29
N GLU A 25 -1.25 3.71 11.48
CA GLU A 25 -0.46 4.57 12.34
C GLU A 25 0.86 4.94 11.68
N ASP A 26 1.54 3.96 11.09
CA ASP A 26 2.81 4.24 10.41
C ASP A 26 2.60 5.20 9.24
N GLY A 27 1.54 5.01 8.47
CA GLY A 27 1.27 5.90 7.35
C GLY A 27 0.96 7.32 7.81
N GLU A 28 0.20 7.44 8.90
CA GLU A 28 -0.08 8.76 9.45
C GLU A 28 1.19 9.44 9.92
N LYS A 29 2.08 8.69 10.58
CA LYS A 29 3.35 9.26 11.01
C LYS A 29 4.20 9.68 9.83
N ALA A 30 4.22 8.87 8.77
CA ALA A 30 5.05 9.19 7.61
C ALA A 30 4.47 10.34 6.79
N ALA A 31 3.15 10.53 6.84
CA ALA A 31 2.55 11.62 6.08
C ALA A 31 3.08 12.97 6.55
N ARG A 32 3.19 13.16 7.86
CA ARG A 32 3.77 14.39 8.40
C ARG A 32 5.26 14.48 8.12
N GLU A 33 5.92 13.34 7.87
CA GLU A 33 7.35 13.34 7.58
C GLU A 33 7.61 14.06 6.26
N VAL A 34 8.71 14.81 6.19
CA VAL A 34 9.09 15.56 5.02
C VAL A 34 10.12 14.76 4.25
N LYS A 35 9.84 14.46 2.99
CA LYS A 35 10.74 13.70 2.13
C LYS A 35 11.49 14.68 1.23
N LEU A 36 12.81 14.66 1.31
CA LEU A 36 13.66 15.54 0.53
C LEU A 36 14.63 14.70 -0.28
N LEU A 37 14.79 15.05 -1.56
CA LEU A 37 15.71 14.36 -2.46
C LEU A 37 16.96 15.21 -2.65
N LEU A 38 18.12 14.58 -2.49
CA LEU A 38 19.40 15.25 -2.60
C LEU A 38 20.09 14.83 -3.89
N LEU A 39 20.49 15.80 -4.70
CA LEU A 39 21.11 15.54 -5.99
C LEU A 39 22.19 16.58 -6.25
N GLY A 40 23.10 16.22 -7.14
CA GLY A 40 24.18 17.12 -7.51
C GLY A 40 25.34 16.36 -8.13
N ALA A 41 26.40 17.10 -8.41
CA ALA A 41 27.60 16.51 -8.97
C ALA A 41 28.32 15.68 -7.92
N GLY A 42 29.28 14.88 -8.38
CA GLY A 42 30.03 14.02 -7.46
C GLY A 42 30.74 14.80 -6.38
N GLU A 43 31.32 15.95 -6.74
CA GLU A 43 32.04 16.80 -5.80
C GLU A 43 31.29 18.10 -5.53
N SER A 44 29.96 18.07 -5.63
CA SER A 44 29.15 19.26 -5.41
C SER A 44 29.08 19.66 -3.94
N GLY A 45 29.52 18.81 -3.02
CA GLY A 45 29.45 19.10 -1.61
C GLY A 45 28.21 18.60 -0.91
N LYS A 46 27.44 17.72 -1.55
CA LYS A 46 26.23 17.20 -0.90
C LYS A 46 26.58 16.42 0.36
N ASN A 47 27.69 15.68 0.33
CA ASN A 47 28.14 14.98 1.53
C ASN A 47 28.40 15.95 2.67
N THR A 48 29.06 17.06 2.36
CA THR A 48 29.30 18.07 3.39
C THR A 48 27.98 18.65 3.91
N ILE A 49 27.01 18.86 3.03
CA ILE A 49 25.73 19.41 3.46
C ILE A 49 25.04 18.45 4.42
N VAL A 50 24.99 17.17 4.06
CA VAL A 50 24.31 16.21 4.92
C VAL A 50 25.05 16.04 6.24
N LYS A 51 26.39 16.08 6.20
CA LYS A 51 27.16 16.00 7.44
C LYS A 51 26.86 17.20 8.33
N GLN A 52 26.77 18.40 7.75
CA GLN A 52 26.47 19.60 8.52
C GLN A 52 25.08 19.51 9.14
N MET A 53 24.10 19.07 8.36
CA MET A 53 22.75 18.92 8.89
C MET A 53 22.70 17.83 9.96
N LYS A 54 23.39 16.73 9.73
CA LYS A 54 23.43 15.62 10.69
C LYS A 54 24.77 15.60 11.42
N THR A 182 27.60 2.88 -0.44
CA THR A 182 27.51 2.02 -1.62
C THR A 182 26.19 2.25 -2.34
N GLY A 183 25.13 2.51 -1.58
CA GLY A 183 23.82 2.74 -2.15
C GLY A 183 23.15 3.97 -1.60
N ILE A 184 21.82 4.02 -1.69
CA ILE A 184 21.08 5.17 -1.19
C ILE A 184 21.30 5.31 0.31
N VAL A 185 21.48 6.56 0.75
CA VAL A 185 21.72 6.87 2.15
C VAL A 185 20.59 7.77 2.64
N GLU A 186 19.94 7.37 3.73
CA GLU A 186 18.84 8.13 4.31
C GLU A 186 19.35 8.84 5.56
N THR A 187 19.27 10.17 5.55
CA THR A 187 19.68 11.00 6.68
C THR A 187 18.44 11.64 7.30
N HIS A 188 18.21 11.39 8.58
CA HIS A 188 17.04 11.89 9.29
C HIS A 188 17.46 12.97 10.27
N PHE A 189 16.76 14.10 10.25
CA PHE A 189 17.03 15.18 11.19
C PHE A 189 15.74 15.94 11.43
N THR A 190 15.70 16.66 12.55
CA THR A 190 14.51 17.37 12.99
C THR A 190 14.85 18.84 13.19
N PHE A 191 13.90 19.72 12.86
CA PHE A 191 14.10 21.15 13.00
C PHE A 191 12.74 21.83 13.15
N LYS A 192 12.53 22.49 14.27
CA LYS A 192 11.30 23.24 14.54
C LYS A 192 10.06 22.37 14.29
N ASP A 193 10.03 21.23 14.99
CA ASP A 193 8.90 20.31 15.04
C ASP A 193 8.71 19.51 13.75
N LEU A 194 9.53 19.74 12.73
CA LEU A 194 9.44 18.98 11.48
C LEU A 194 10.57 17.97 11.41
N HIS A 195 10.21 16.72 11.14
CA HIS A 195 11.18 15.65 10.96
C HIS A 195 11.49 15.53 9.47
N PHE A 196 12.75 15.70 9.10
CA PHE A 196 13.19 15.67 7.71
C PHE A 196 14.03 14.43 7.46
N LYS A 197 13.76 13.75 6.36
CA LYS A 197 14.57 12.62 5.89
C LYS A 197 15.05 12.93 4.49
N MET A 198 16.37 12.91 4.28
CA MET A 198 16.97 13.25 3.01
C MET A 198 17.53 12.00 2.34
N PHE A 199 17.44 11.95 1.02
CA PHE A 199 17.86 10.81 0.23
C PHE A 199 19.08 11.21 -0.59
N ASP A 200 20.24 10.68 -0.21
CA ASP A 200 21.50 10.93 -0.92
C ASP A 200 21.65 9.88 -2.01
N VAL A 201 21.22 10.22 -3.23
CA VAL A 201 21.26 9.31 -4.35
C VAL A 201 22.52 9.51 -5.21
N GLY A 202 23.52 10.21 -4.67
CA GLY A 202 24.75 10.42 -5.41
C GLY A 202 25.55 9.15 -5.63
N ALA A 203 25.36 8.14 -4.79
CA ALA A 203 26.06 6.88 -4.94
C ALA A 203 25.45 5.97 -6.00
N GLN A 204 24.29 6.33 -6.56
CA GLN A 204 23.63 5.52 -7.57
C GLN A 204 24.19 5.92 -8.93
N ARG A 205 25.02 5.04 -9.50
CA ARG A 205 25.60 5.26 -10.82
C ARG A 205 24.77 4.63 -11.94
N SER A 206 23.62 4.04 -11.62
CA SER A 206 22.81 3.34 -12.62
C SER A 206 22.05 4.34 -13.47
N GLU A 207 21.22 3.82 -14.37
CA GLU A 207 20.39 4.67 -15.21
C GLU A 207 19.41 5.46 -14.35
N ARG A 208 19.31 6.76 -14.64
CA ARG A 208 18.57 7.65 -13.75
C ARG A 208 17.08 7.43 -13.84
N LYS A 209 16.53 7.33 -15.06
CA LYS A 209 15.09 7.25 -15.22
C LYS A 209 14.49 5.94 -14.74
N LYS A 210 15.32 4.92 -14.46
CA LYS A 210 14.80 3.64 -14.00
C LYS A 210 14.53 3.62 -12.50
N TRP A 211 15.02 4.61 -11.74
CA TRP A 211 14.74 4.68 -10.32
C TRP A 211 14.36 6.08 -9.83
N ILE A 212 14.48 7.11 -10.67
CA ILE A 212 14.14 8.46 -10.24
C ILE A 212 12.65 8.59 -9.96
N HIS A 213 11.82 7.81 -10.67
CA HIS A 213 10.38 7.91 -10.51
C HIS A 213 9.93 7.55 -9.10
N CYS A 214 10.76 6.83 -8.34
CA CYS A 214 10.38 6.45 -6.98
C CYS A 214 10.25 7.68 -6.08
N PHE A 215 10.95 8.77 -6.40
CA PHE A 215 10.93 9.97 -5.59
C PHE A 215 9.85 10.97 -6.03
N GLU A 216 8.79 10.48 -6.67
CA GLU A 216 7.74 11.39 -7.13
C GLU A 216 7.04 12.08 -5.96
N GLY A 217 6.99 11.44 -4.80
CA GLY A 217 6.31 11.97 -3.64
C GLY A 217 7.13 12.87 -2.75
N VAL A 218 8.37 13.17 -3.12
CA VAL A 218 9.21 14.02 -2.29
C VAL A 218 8.64 15.43 -2.26
N THR A 219 8.60 16.03 -1.06
CA THR A 219 8.07 17.39 -0.93
C THR A 219 8.91 18.38 -1.73
N ALA A 220 10.23 18.25 -1.68
CA ALA A 220 11.12 19.14 -2.40
C ALA A 220 12.39 18.39 -2.75
N ILE A 221 13.10 18.89 -3.76
CA ILE A 221 14.35 18.31 -4.24
C ILE A 221 15.46 19.29 -3.93
N ILE A 222 16.45 18.83 -3.17
CA ILE A 222 17.60 19.66 -2.81
C ILE A 222 18.70 19.41 -3.83
N PHE A 223 19.19 20.48 -4.45
CA PHE A 223 20.22 20.42 -5.47
C PHE A 223 21.48 21.10 -4.97
N CYS A 224 22.61 20.42 -5.08
CA CYS A 224 23.90 20.94 -4.65
C CYS A 224 24.78 21.16 -5.88
N VAL A 225 25.33 22.37 -5.97
CA VAL A 225 26.23 22.74 -7.08
C VAL A 225 27.45 23.42 -6.48
N ALA A 226 28.63 23.02 -6.95
CA ALA A 226 29.89 23.60 -6.48
C ALA A 226 30.26 24.77 -7.38
N LEU A 227 30.24 25.98 -6.82
CA LEU A 227 30.61 27.16 -7.59
C LEU A 227 32.06 27.09 -8.02
N SER A 228 32.95 26.62 -7.13
CA SER A 228 34.38 26.61 -7.41
C SER A 228 34.73 25.76 -8.63
N ASP A 229 33.85 24.85 -9.03
CA ASP A 229 34.12 23.94 -10.15
C ASP A 229 33.73 24.53 -11.50
N TYR A 230 33.66 25.86 -11.61
CA TYR A 230 33.29 26.46 -12.89
C TYR A 230 34.37 26.26 -13.94
N ASP A 231 35.64 26.30 -13.53
CA ASP A 231 36.77 26.15 -14.44
C ASP A 231 37.58 24.88 -14.15
N LEU A 232 36.98 23.91 -13.47
CA LEU A 232 37.66 22.67 -13.11
C LEU A 232 37.20 21.56 -14.04
N VAL A 233 38.16 20.89 -14.67
CA VAL A 233 37.86 19.81 -15.61
C VAL A 233 38.32 18.48 -15.02
N ASN A 241 34.88 21.36 -16.20
CA ASN A 241 33.58 21.60 -16.82
C ASN A 241 32.48 20.88 -16.05
N ARG A 242 32.68 20.69 -14.75
CA ARG A 242 31.67 20.03 -13.94
C ARG A 242 30.41 20.88 -13.83
N MET A 243 30.52 22.19 -14.04
CA MET A 243 29.34 23.04 -14.03
C MET A 243 28.40 22.66 -15.17
N HIS A 244 28.95 22.31 -16.34
CA HIS A 244 28.13 21.85 -17.44
C HIS A 244 27.35 20.60 -17.04
N ALA A 245 28.03 19.63 -16.42
CA ALA A 245 27.35 18.41 -16.00
C ALA A 245 26.27 18.72 -14.95
N SER A 246 26.57 19.63 -14.03
CA SER A 246 25.56 20.01 -13.04
C SER A 246 24.35 20.63 -13.70
N MET A 247 24.56 21.47 -14.70
CA MET A 247 23.42 22.09 -15.40
C MET A 247 22.63 21.05 -16.17
N LYS A 248 23.30 20.08 -16.81
CA LYS A 248 22.57 19.00 -17.46
C LYS A 248 21.75 18.20 -16.45
N LEU A 249 22.33 17.92 -15.28
CA LEU A 249 21.58 17.22 -14.24
C LEU A 249 20.36 18.01 -13.80
N PHE A 250 20.53 19.32 -13.61
CA PHE A 250 19.40 20.17 -13.23
C PHE A 250 18.32 20.16 -14.30
N ASP A 251 18.72 20.24 -15.56
CA ASP A 251 17.73 20.21 -16.64
C ASP A 251 17.00 18.88 -16.67
N SER A 252 17.71 17.77 -16.46
CA SER A 252 17.08 16.47 -16.48
C SER A 252 16.13 16.29 -15.31
N ILE A 253 16.50 16.78 -14.14
CA ILE A 253 15.70 16.54 -12.93
C ILE A 253 14.49 17.47 -12.87
N CYS A 254 14.72 18.78 -13.03
CA CYS A 254 13.64 19.73 -12.88
C CYS A 254 12.55 19.52 -13.92
N ASN A 255 12.94 19.23 -15.16
CA ASN A 255 12.00 19.05 -16.26
C ASN A 255 11.47 17.61 -16.36
N ASN A 256 11.89 16.72 -15.46
CA ASN A 256 11.42 15.36 -15.49
C ASN A 256 9.91 15.31 -15.27
N LYS A 257 9.24 14.41 -15.98
CA LYS A 257 7.78 14.30 -15.86
C LYS A 257 7.35 13.96 -14.44
N TRP A 258 8.20 13.25 -13.68
CA TRP A 258 7.85 12.87 -12.33
C TRP A 258 7.93 14.06 -11.37
N PHE A 259 8.75 15.06 -11.69
CA PHE A 259 8.96 16.21 -10.83
C PHE A 259 8.36 17.49 -11.41
N THR A 260 7.26 17.36 -12.16
CA THR A 260 6.63 18.54 -12.74
C THR A 260 6.13 19.49 -11.65
N ASP A 261 5.49 18.95 -10.62
CA ASP A 261 4.96 19.75 -9.53
C ASP A 261 5.88 19.82 -8.32
N THR A 262 7.08 19.24 -8.40
CA THR A 262 8.01 19.21 -7.28
C THR A 262 8.94 20.41 -7.34
N SER A 263 9.05 21.13 -6.23
CA SER A 263 9.95 22.27 -6.14
C SER A 263 11.39 21.80 -5.92
N ILE A 264 12.33 22.63 -6.35
CA ILE A 264 13.75 22.34 -6.24
C ILE A 264 14.38 23.36 -5.30
N ILE A 265 15.04 22.88 -4.26
CA ILE A 265 15.76 23.73 -3.31
C ILE A 265 17.22 23.71 -3.75
N LEU A 266 17.59 24.64 -4.62
CA LEU A 266 18.93 24.71 -5.16
C LEU A 266 19.89 25.30 -4.14
N PHE A 267 21.09 24.73 -4.08
CA PHE A 267 22.14 25.20 -3.19
C PHE A 267 23.42 25.44 -3.99
N LEU A 268 24.03 26.61 -3.79
CA LEU A 268 25.31 26.95 -4.42
C LEU A 268 26.40 26.72 -3.39
N ASN A 269 27.11 25.60 -3.50
CA ASN A 269 28.07 25.22 -2.48
C ASN A 269 29.44 25.83 -2.76
N LYS A 270 30.16 26.12 -1.66
CA LYS A 270 31.56 26.53 -1.73
C LYS A 270 31.73 27.83 -2.51
N LYS A 271 31.04 28.88 -2.07
CA LYS A 271 31.30 30.20 -2.64
C LYS A 271 32.53 30.85 -2.02
N ASP A 272 33.01 30.34 -0.88
CA ASP A 272 34.24 30.84 -0.30
C ASP A 272 35.43 30.62 -1.23
N LEU A 273 35.35 29.61 -2.10
CA LEU A 273 36.35 29.42 -3.13
C LEU A 273 36.02 30.20 -4.41
N PHE A 274 34.73 30.39 -4.68
CA PHE A 274 34.33 31.18 -5.85
C PHE A 274 34.80 32.62 -5.73
N GLU A 275 34.65 33.21 -4.54
CA GLU A 275 34.99 34.62 -4.36
C GLU A 275 36.47 34.89 -4.61
N GLU A 276 37.33 33.89 -4.35
CA GLU A 276 38.77 34.04 -4.53
C GLU A 276 39.24 33.59 -5.91
N LYS A 277 38.77 32.44 -6.39
CA LYS A 277 39.19 31.94 -7.70
C LYS A 277 38.76 32.89 -8.81
N ILE A 278 37.56 33.46 -8.70
CA ILE A 278 37.06 34.33 -9.75
C ILE A 278 37.97 35.54 -9.93
N LYS A 279 38.64 35.97 -8.86
CA LYS A 279 39.55 37.11 -8.97
C LYS A 279 40.68 36.81 -9.96
N LYS A 280 41.24 35.60 -9.89
CA LYS A 280 42.33 35.20 -10.77
C LYS A 280 41.83 34.62 -12.09
N SER A 281 40.81 33.75 -12.03
CA SER A 281 40.27 33.12 -13.22
C SER A 281 38.92 33.72 -13.56
N PRO A 282 38.79 34.51 -14.63
CA PRO A 282 37.50 35.09 -14.95
C PRO A 282 36.49 34.03 -15.38
N LEU A 283 35.22 34.32 -15.11
CA LEU A 283 34.15 33.39 -15.49
C LEU A 283 33.99 33.28 -17.00
N THR A 284 34.53 34.22 -17.76
CA THR A 284 34.40 34.19 -19.21
C THR A 284 35.16 33.02 -19.85
N ILE A 285 36.04 32.36 -19.10
CA ILE A 285 36.80 31.25 -19.67
C ILE A 285 35.87 30.15 -20.14
N CYS A 286 34.87 29.80 -19.32
CA CYS A 286 33.94 28.74 -19.66
C CYS A 286 32.78 29.25 -20.52
N TYR A 287 32.25 30.42 -20.20
CA TYR A 287 31.08 30.97 -20.89
C TYR A 287 31.43 32.32 -21.51
N PRO A 288 31.73 32.39 -22.81
CA PRO A 288 31.97 33.69 -23.43
C PRO A 288 30.77 34.63 -23.35
N GLU A 289 29.56 34.08 -23.27
CA GLU A 289 28.36 34.92 -23.22
C GLU A 289 28.33 35.82 -21.99
N TYR A 290 29.09 35.49 -20.96
CA TYR A 290 29.11 36.32 -19.76
C TYR A 290 29.64 37.71 -20.08
N ALA A 291 29.06 38.72 -19.44
CA ALA A 291 29.45 40.10 -19.64
C ALA A 291 29.52 40.81 -18.31
N GLY A 292 30.27 41.91 -18.29
CA GLY A 292 30.45 42.69 -17.07
C GLY A 292 31.68 42.29 -16.29
N SER A 293 31.92 43.04 -15.22
CA SER A 293 33.08 42.78 -14.38
C SER A 293 32.99 41.42 -13.74
N ASN A 294 34.14 40.76 -13.58
CA ASN A 294 34.21 39.43 -12.98
C ASN A 294 34.22 39.56 -11.45
N THR A 295 33.08 40.00 -10.93
CA THR A 295 32.89 40.14 -9.49
C THR A 295 32.04 39.00 -8.96
N TYR A 296 32.25 38.68 -7.67
CA TYR A 296 31.56 37.54 -7.08
C TYR A 296 30.05 37.71 -7.13
N GLU A 297 29.56 38.91 -6.80
CA GLU A 297 28.11 39.13 -6.74
C GLU A 297 27.49 39.01 -8.13
N GLU A 298 28.05 39.70 -9.12
CA GLU A 298 27.48 39.66 -10.46
C GLU A 298 27.59 38.26 -11.06
N ALA A 299 28.73 37.59 -10.85
CA ALA A 299 28.88 36.24 -11.38
C ALA A 299 27.88 35.28 -10.74
N ALA A 300 27.70 35.37 -9.42
CA ALA A 300 26.73 34.52 -8.75
C ALA A 300 25.32 34.80 -9.26
N ALA A 301 24.98 36.08 -9.45
CA ALA A 301 23.65 36.40 -9.96
C ALA A 301 23.45 35.84 -11.36
N TYR A 302 24.45 35.97 -12.22
CA TYR A 302 24.33 35.44 -13.58
C TYR A 302 24.19 33.92 -13.58
N ILE A 303 24.98 33.23 -12.74
CA ILE A 303 24.89 31.79 -12.67
C ILE A 303 23.51 31.37 -12.17
N GLN A 304 23.00 32.05 -11.14
CA GLN A 304 21.66 31.75 -10.65
C GLN A 304 20.63 31.95 -11.74
N CYS A 305 20.69 33.09 -12.44
CA CYS A 305 19.72 33.36 -13.49
C CYS A 305 19.77 32.29 -14.57
N GLN A 306 20.97 31.85 -14.94
CA GLN A 306 21.08 30.77 -15.92
C GLN A 306 20.47 29.48 -15.40
N PHE A 307 20.64 29.21 -14.10
CA PHE A 307 20.02 28.01 -13.52
C PHE A 307 18.50 28.06 -13.61
N GLU A 308 17.87 29.15 -13.16
CA GLU A 308 16.41 29.22 -13.30
C GLU A 308 15.96 29.40 -14.74
N ASP A 309 16.86 29.74 -15.66
CA ASP A 309 16.49 29.76 -17.07
C ASP A 309 16.19 28.36 -17.59
N LEU A 310 16.85 27.34 -17.03
CA LEU A 310 16.62 25.97 -17.45
C LEU A 310 15.26 25.44 -17.04
N ASN A 311 14.53 26.15 -16.18
CA ASN A 311 13.24 25.69 -15.69
C ASN A 311 12.18 25.89 -16.77
N LYS A 312 11.63 24.79 -17.27
CA LYS A 312 10.56 24.84 -18.27
C LYS A 312 9.17 24.79 -17.64
N ARG A 313 9.08 24.73 -16.31
CA ARG A 313 7.81 24.68 -15.59
C ARG A 313 7.76 25.79 -14.55
N LYS A 314 8.11 27.01 -14.97
CA LYS A 314 8.15 28.13 -14.04
C LYS A 314 6.77 28.40 -13.43
N ASP A 315 5.71 28.26 -14.24
CA ASP A 315 4.36 28.51 -13.77
C ASP A 315 3.82 27.38 -12.91
N THR A 316 4.50 26.24 -12.84
CA THR A 316 4.04 25.10 -12.06
C THR A 316 4.89 24.80 -10.84
N LYS A 317 6.18 25.12 -10.89
CA LYS A 317 7.11 24.84 -9.79
C LYS A 317 7.96 26.08 -9.53
N GLU A 318 8.60 26.08 -8.36
CA GLU A 318 9.44 27.18 -7.92
C GLU A 318 10.79 26.65 -7.47
N ILE A 319 11.83 27.45 -7.69
CA ILE A 319 13.20 27.09 -7.34
C ILE A 319 13.66 28.04 -6.22
N TYR A 320 14.10 27.46 -5.11
CA TYR A 320 14.58 28.23 -3.95
C TYR A 320 16.09 28.13 -3.91
N THR A 321 16.76 29.06 -4.59
CA THR A 321 18.22 29.06 -4.63
C THR A 321 18.80 29.74 -3.40
N HIS A 322 19.90 29.20 -2.90
CA HIS A 322 20.56 29.75 -1.72
C HIS A 322 22.02 29.33 -1.74
N PHE A 323 22.83 30.05 -0.97
CA PHE A 323 24.25 29.78 -0.85
C PHE A 323 24.53 29.17 0.53
N THR A 324 25.31 28.09 0.55
CA THR A 324 25.54 27.37 1.79
C THR A 324 26.23 28.25 2.83
N CYS A 325 27.35 28.88 2.45
CA CYS A 325 28.10 29.77 3.31
C CYS A 325 28.62 29.09 4.58
N SER A 326 28.55 27.76 4.65
CA SER A 326 29.01 27.02 5.84
C SER A 326 28.32 27.54 7.09
N THR A 327 27.03 27.83 6.98
CA THR A 327 26.22 28.33 8.09
C THR A 327 25.16 27.27 8.38
N ASP A 328 25.45 26.39 9.34
CA ASP A 328 24.55 25.30 9.65
C ASP A 328 23.18 25.81 10.09
N THR A 329 23.16 26.71 11.07
CA THR A 329 21.88 27.18 11.61
C THR A 329 21.05 27.87 10.54
N LYS A 330 21.64 28.84 9.83
CA LYS A 330 20.88 29.59 8.84
C LYS A 330 20.55 28.73 7.62
N ASN A 331 21.43 27.79 7.25
CA ASN A 331 21.12 26.89 6.15
C ASN A 331 19.91 26.03 6.48
N VAL A 332 19.89 25.46 7.69
CA VAL A 332 18.74 24.66 8.09
C VAL A 332 17.49 25.53 8.20
N GLN A 333 17.65 26.77 8.65
CA GLN A 333 16.52 27.69 8.70
C GLN A 333 15.96 27.95 7.31
N PHE A 334 16.83 28.12 6.31
CA PHE A 334 16.38 28.32 4.95
C PHE A 334 15.67 27.08 4.42
N VAL A 335 16.19 25.90 4.74
CA VAL A 335 15.54 24.65 4.32
C VAL A 335 14.15 24.56 4.95
N PHE A 336 14.05 24.89 6.23
CA PHE A 336 12.75 24.88 6.91
C PHE A 336 11.79 25.87 6.27
N ASP A 337 12.26 27.06 5.95
CA ASP A 337 11.41 28.06 5.30
C ASP A 337 10.93 27.57 3.95
N ALA A 338 11.83 26.95 3.17
CA ALA A 338 11.44 26.43 1.86
C ALA A 338 10.40 25.32 2.01
N VAL A 339 10.58 24.44 2.98
CA VAL A 339 9.61 23.36 3.21
C VAL A 339 8.26 23.95 3.61
N THR A 340 8.27 24.93 4.50
CA THR A 340 7.02 25.57 4.93
C THR A 340 6.32 26.23 3.74
N ASP A 341 7.08 26.93 2.89
CA ASP A 341 6.49 27.57 1.74
C ASP A 341 5.91 26.54 0.77
N VAL A 342 6.61 25.43 0.57
CA VAL A 342 6.11 24.37 -0.31
C VAL A 342 4.82 23.80 0.24
N ILE A 343 4.76 23.56 1.55
CA ILE A 343 3.54 23.03 2.15
C ILE A 343 2.40 24.03 2.01
N ILE A 344 2.69 25.33 2.20
CA ILE A 344 1.65 26.34 2.07
C ILE A 344 1.12 26.40 0.65
N LYS A 345 2.02 26.33 -0.35
CA LYS A 345 1.55 26.30 -1.73
C LYS A 345 0.76 25.04 -2.04
N ASN A 346 1.15 23.90 -1.46
CA ASN A 346 0.36 22.69 -1.66
C ASN A 346 -1.05 22.85 -1.08
N ASN A 347 -1.14 23.46 0.11
CA ASN A 347 -2.45 23.72 0.71
C ASN A 347 -3.27 24.66 -0.17
N LEU A 348 -2.63 25.71 -0.71
CA LEU A 348 -3.33 26.63 -1.60
C LEU A 348 -3.82 25.92 -2.85
N LYS A 349 -2.99 25.03 -3.41
CA LYS A 349 -3.42 24.22 -4.55
C LYS A 349 -4.64 23.39 -4.19
N ASP A 350 -4.63 22.78 -3.00
CA ASP A 350 -5.80 22.06 -2.54
C ASP A 350 -7.01 22.98 -2.45
N CYS A 351 -6.79 24.24 -2.09
CA CYS A 351 -7.85 25.24 -2.07
C CYS A 351 -8.12 25.86 -3.43
N GLY A 352 -7.33 25.51 -4.44
CA GLY A 352 -7.54 26.04 -5.78
C GLY A 352 -6.92 27.40 -6.04
N LEU A 353 -6.23 27.98 -5.07
CA LEU A 353 -5.60 29.28 -5.23
C LEU A 353 -4.27 29.21 -5.97
N PHE A 354 -3.69 28.01 -6.12
CA PHE A 354 -2.40 27.86 -6.79
C PHE A 354 -2.46 26.76 -7.83
N LEU B 12 40.36 -7.01 -32.04
CA LEU B 12 39.45 -8.16 -31.78
C LEU B 12 37.99 -7.78 -32.04
N ARG B 13 37.72 -6.48 -32.10
CA ARG B 13 36.37 -6.00 -32.35
C ARG B 13 36.01 -5.94 -33.82
N GLN B 14 36.98 -6.15 -34.72
CA GLN B 14 36.69 -6.09 -36.14
C GLN B 14 35.85 -7.26 -36.61
N GLU B 15 36.01 -8.43 -35.98
CA GLU B 15 35.26 -9.62 -36.35
C GLU B 15 33.91 -9.70 -35.65
N ALA B 16 33.62 -8.79 -34.71
CA ALA B 16 32.34 -8.82 -34.02
C ALA B 16 31.18 -8.62 -35.00
N GLU B 17 31.32 -7.66 -35.91
CA GLU B 17 30.27 -7.42 -36.89
C GLU B 17 30.09 -8.62 -37.81
N GLN B 18 31.20 -9.23 -38.23
CA GLN B 18 31.10 -10.40 -39.11
C GLN B 18 30.41 -11.55 -38.39
N LEU B 19 30.74 -11.79 -37.13
CA LEU B 19 30.09 -12.87 -36.39
C LEU B 19 28.62 -12.57 -36.16
N LYS B 20 28.27 -11.31 -35.88
CA LYS B 20 26.87 -10.95 -35.73
C LYS B 20 26.11 -11.17 -37.02
N ASN B 21 26.71 -10.82 -38.16
CA ASN B 21 26.09 -11.05 -39.45
C ASN B 21 25.90 -12.54 -39.71
N GLN B 22 26.89 -13.35 -39.35
CA GLN B 22 26.76 -14.80 -39.50
C GLN B 22 25.63 -15.34 -38.65
N ILE B 23 25.53 -14.88 -37.41
CA ILE B 23 24.45 -15.33 -36.52
C ILE B 23 23.10 -14.93 -37.10
N ARG B 24 22.98 -13.70 -37.60
CA ARG B 24 21.72 -13.26 -38.19
C ARG B 24 21.38 -14.09 -39.42
N ASP B 25 22.37 -14.40 -40.26
CA ASP B 25 22.11 -15.22 -41.43
C ASP B 25 21.65 -16.62 -41.04
N ALA B 26 22.28 -17.21 -40.04
CA ALA B 26 21.87 -18.53 -39.58
C ALA B 26 20.44 -18.49 -39.03
N ARG B 27 20.12 -17.45 -38.25
CA ARG B 27 18.77 -17.32 -37.71
C ARG B 27 17.75 -17.18 -38.84
N LYS B 28 18.06 -16.38 -39.85
CA LYS B 28 17.14 -16.21 -40.98
C LYS B 28 16.97 -17.53 -41.73
N ALA B 29 18.07 -18.27 -41.93
CA ALA B 29 17.98 -19.55 -42.63
C ALA B 29 17.11 -20.53 -41.85
N CYS B 30 17.25 -20.55 -40.53
CA CYS B 30 16.43 -21.43 -39.70
C CYS B 30 15.02 -20.89 -39.49
N ALA B 31 14.73 -19.67 -39.90
CA ALA B 31 13.40 -19.08 -39.78
C ALA B 31 12.54 -19.45 -40.99
N ASP B 32 12.32 -20.76 -41.14
CA ASP B 32 11.54 -21.25 -42.28
C ASP B 32 10.09 -20.76 -42.21
N ALA B 33 9.58 -20.53 -41.00
CA ALA B 33 8.21 -20.08 -40.84
C ALA B 33 8.12 -19.22 -39.58
N THR B 34 6.97 -18.56 -39.42
CA THR B 34 6.71 -17.69 -38.28
C THR B 34 5.47 -18.17 -37.54
N LEU B 35 5.41 -17.88 -36.25
CA LEU B 35 4.27 -18.31 -35.45
C LEU B 35 2.96 -17.70 -35.94
N SER B 36 3.03 -16.54 -36.59
CA SER B 36 1.80 -15.90 -37.08
C SER B 36 1.09 -16.77 -38.10
N GLN B 37 1.84 -17.36 -39.04
CA GLN B 37 1.25 -18.22 -40.05
C GLN B 37 1.02 -19.64 -39.57
N ILE B 38 1.58 -20.03 -38.43
CA ILE B 38 1.41 -21.37 -37.90
C ILE B 38 0.17 -21.48 -37.02
N THR B 39 -0.17 -20.40 -36.32
CA THR B 39 -1.33 -20.36 -35.44
C THR B 39 -2.56 -19.77 -36.11
N ASN B 40 -2.52 -19.55 -37.43
CA ASN B 40 -3.65 -18.94 -38.11
C ASN B 40 -4.90 -19.80 -38.01
N ASN B 41 -4.75 -21.12 -38.16
CA ASN B 41 -5.89 -22.02 -38.14
C ASN B 41 -6.40 -22.32 -36.74
N ILE B 42 -5.66 -21.94 -35.70
CA ILE B 42 -6.09 -22.19 -34.32
C ILE B 42 -7.13 -21.15 -33.94
N ASP B 43 -8.24 -21.62 -33.39
CA ASP B 43 -9.32 -20.71 -33.02
C ASP B 43 -8.86 -19.79 -31.88
N PRO B 44 -9.33 -18.54 -31.86
CA PRO B 44 -8.92 -17.62 -30.80
C PRO B 44 -9.54 -18.00 -29.46
N VAL B 45 -8.87 -17.56 -28.39
CA VAL B 45 -9.37 -17.81 -27.04
C VAL B 45 -10.62 -16.99 -26.72
N GLY B 46 -11.00 -16.06 -27.58
CA GLY B 46 -12.16 -15.23 -27.33
C GLY B 46 -11.88 -14.14 -26.32
N ARG B 47 -12.98 -13.52 -25.86
CA ARG B 47 -12.90 -12.46 -24.87
C ARG B 47 -12.69 -13.08 -23.50
N ILE B 48 -11.50 -12.90 -22.93
CA ILE B 48 -11.16 -13.45 -21.62
C ILE B 48 -11.53 -12.39 -20.60
N GLN B 49 -12.76 -12.50 -20.07
CA GLN B 49 -13.26 -11.55 -19.09
C GLN B 49 -12.88 -11.99 -17.69
N MET B 50 -12.31 -11.07 -16.91
CA MET B 50 -11.95 -11.32 -15.52
C MET B 50 -12.49 -10.21 -14.64
N ARG B 51 -13.00 -10.59 -13.47
CA ARG B 51 -13.50 -9.64 -12.48
C ARG B 51 -12.53 -9.55 -11.31
N THR B 52 -12.57 -8.41 -10.62
CA THR B 52 -11.73 -8.21 -9.45
C THR B 52 -12.29 -8.99 -8.27
N ARG B 53 -11.88 -10.25 -8.13
CA ARG B 53 -12.40 -11.09 -7.07
C ARG B 53 -12.05 -10.54 -5.69
N ARG B 54 -10.80 -10.07 -5.53
CA ARG B 54 -10.33 -9.52 -4.27
C ARG B 54 -9.65 -8.18 -4.53
N THR B 55 -9.72 -7.30 -3.53
CA THR B 55 -9.07 -6.00 -3.57
C THR B 55 -8.24 -5.87 -2.29
N LEU B 56 -6.95 -6.14 -2.40
CA LEU B 56 -6.07 -6.10 -1.23
C LEU B 56 -5.76 -4.65 -0.87
N ARG B 57 -6.18 -4.25 0.34
CA ARG B 57 -5.97 -2.90 0.84
C ARG B 57 -5.13 -2.94 2.11
N GLY B 58 -4.34 -1.89 2.31
CA GLY B 58 -3.48 -1.80 3.47
C GLY B 58 -2.16 -1.12 3.16
N HIS B 59 -1.79 -1.10 1.88
CA HIS B 59 -0.59 -0.38 1.47
C HIS B 59 -0.91 1.11 1.32
N LEU B 60 0.00 1.94 1.81
CA LEU B 60 -0.20 3.39 1.82
C LEU B 60 0.88 4.11 0.99
N ALA B 61 1.41 3.42 -0.01
CA ALA B 61 2.43 4.01 -0.88
C ALA B 61 2.45 3.24 -2.19
N LYS B 62 3.25 3.74 -3.13
CA LYS B 62 3.36 3.11 -4.44
C LYS B 62 3.93 1.71 -4.31
N ILE B 63 3.33 0.76 -5.03
CA ILE B 63 3.71 -0.64 -4.99
C ILE B 63 4.43 -0.97 -6.29
N TYR B 64 5.61 -1.58 -6.17
CA TYR B 64 6.47 -1.82 -7.32
C TYR B 64 6.71 -3.30 -7.61
N ALA B 65 6.44 -4.19 -6.65
CA ALA B 65 6.72 -5.60 -6.86
C ALA B 65 5.75 -6.46 -6.05
N MET B 66 5.54 -7.68 -6.53
CA MET B 66 4.76 -8.67 -5.80
C MET B 66 5.16 -10.05 -6.32
N HIS B 67 4.87 -11.07 -5.53
CA HIS B 67 5.21 -12.44 -5.89
C HIS B 67 4.17 -13.39 -5.32
N TRP B 68 3.73 -14.34 -6.14
CA TRP B 68 2.78 -15.34 -5.70
C TRP B 68 3.51 -16.51 -5.03
N GLY B 69 2.81 -17.17 -4.10
CA GLY B 69 3.37 -18.32 -3.43
C GLY B 69 3.15 -19.61 -4.19
N THR B 70 3.96 -20.62 -3.85
CA THR B 70 3.82 -21.92 -4.47
C THR B 70 2.49 -22.58 -4.14
N ASP B 71 1.87 -22.21 -3.02
CA ASP B 71 0.56 -22.73 -2.66
C ASP B 71 -0.58 -22.00 -3.35
N SER B 72 -0.28 -20.94 -4.12
CA SER B 72 -1.26 -20.16 -4.85
C SER B 72 -2.18 -19.37 -3.94
N ARG B 73 -1.86 -19.27 -2.64
CA ARG B 73 -2.69 -18.54 -1.68
C ARG B 73 -1.96 -17.35 -1.09
N LEU B 74 -0.75 -17.55 -0.57
CA LEU B 74 0.02 -16.47 0.04
C LEU B 74 0.81 -15.72 -1.02
N LEU B 75 0.83 -14.39 -0.91
CA LEU B 75 1.61 -13.55 -1.80
C LEU B 75 2.26 -12.44 -0.97
N VAL B 76 3.39 -11.94 -1.47
CA VAL B 76 4.15 -10.88 -0.82
C VAL B 76 4.19 -9.68 -1.74
N SER B 77 3.99 -8.49 -1.17
CA SER B 77 4.01 -7.24 -1.92
C SER B 77 4.93 -6.25 -1.22
N ALA B 78 5.54 -5.37 -2.01
CA ALA B 78 6.47 -4.38 -1.51
C ALA B 78 6.03 -2.99 -1.96
N SER B 79 6.13 -2.02 -1.04
CA SER B 79 5.77 -0.64 -1.33
C SER B 79 6.83 0.27 -0.76
N GLN B 80 6.71 1.56 -1.05
CA GLN B 80 7.68 2.55 -0.58
C GLN B 80 7.55 2.82 0.92
N ASP B 81 6.52 2.28 1.58
CA ASP B 81 6.39 2.44 3.02
C ASP B 81 7.44 1.64 3.79
N GLY B 82 8.34 0.95 3.10
CA GLY B 82 9.38 0.20 3.77
C GLY B 82 8.87 -0.98 4.57
N LYS B 83 7.94 -1.76 4.01
CA LYS B 83 7.38 -2.90 4.71
C LYS B 83 6.79 -3.88 3.71
N LEU B 84 6.95 -5.16 4.00
CA LEU B 84 6.37 -6.23 3.20
C LEU B 84 5.13 -6.78 3.90
N ILE B 85 4.05 -6.96 3.14
CA ILE B 85 2.80 -7.48 3.67
C ILE B 85 2.53 -8.81 3.00
N ILE B 86 2.37 -9.85 3.80
CA ILE B 86 1.97 -11.17 3.31
C ILE B 86 0.46 -11.25 3.34
N TRP B 87 -0.15 -11.43 2.18
CA TRP B 87 -1.60 -11.40 2.02
C TRP B 87 -2.14 -12.81 1.85
N ASP B 88 -3.17 -13.15 2.63
CA ASP B 88 -3.92 -14.39 2.43
C ASP B 88 -4.98 -14.09 1.38
N SER B 89 -4.63 -14.35 0.11
CA SER B 89 -5.50 -13.97 -1.00
C SER B 89 -6.89 -14.59 -0.87
N TYR B 90 -6.98 -15.78 -0.28
CA TYR B 90 -8.28 -16.43 -0.14
C TYR B 90 -9.19 -15.66 0.80
N THR B 91 -8.64 -15.00 1.81
CA THR B 91 -9.43 -14.26 2.78
C THR B 91 -9.01 -12.80 2.94
N THR B 92 -7.98 -12.35 2.22
CA THR B 92 -7.47 -10.99 2.27
C THR B 92 -6.75 -10.66 3.56
N ASN B 93 -6.64 -11.61 4.50
CA ASN B 93 -5.98 -11.35 5.76
C ASN B 93 -4.49 -11.13 5.54
N LYS B 94 -3.91 -10.21 6.32
CA LYS B 94 -2.48 -9.94 6.28
C LYS B 94 -1.77 -10.92 7.20
N VAL B 95 -1.11 -11.92 6.62
CA VAL B 95 -0.45 -12.94 7.43
C VAL B 95 0.70 -12.33 8.22
N HIS B 96 1.51 -11.50 7.59
CA HIS B 96 2.66 -10.90 8.24
C HIS B 96 2.86 -9.47 7.77
N ALA B 97 3.45 -8.65 8.65
CA ALA B 97 3.90 -7.31 8.31
C ALA B 97 5.37 -7.22 8.68
N ILE B 98 6.21 -6.98 7.68
CA ILE B 98 7.66 -7.05 7.83
C ILE B 98 8.25 -5.67 7.56
N PRO B 99 8.52 -4.88 8.61
CA PRO B 99 9.18 -3.59 8.40
C PRO B 99 10.53 -3.77 7.73
N LEU B 100 10.87 -2.83 6.86
CA LEU B 100 12.12 -2.85 6.11
C LEU B 100 13.03 -1.75 6.61
N ARG B 101 14.30 -2.09 6.83
CA ARG B 101 15.27 -1.10 7.28
C ARG B 101 15.43 0.02 6.26
N SER B 102 15.28 -0.29 4.97
CA SER B 102 15.34 0.69 3.90
C SER B 102 13.96 0.83 3.29
N SER B 103 13.45 2.07 3.28
CA SER B 103 12.11 2.32 2.76
C SER B 103 12.02 2.22 1.25
N TRP B 104 13.15 2.15 0.55
CA TRP B 104 13.18 2.14 -0.91
C TRP B 104 13.39 0.70 -1.36
N VAL B 105 12.28 0.02 -1.65
CA VAL B 105 12.28 -1.38 -2.08
C VAL B 105 11.66 -1.45 -3.47
N MET B 106 12.36 -2.07 -4.41
CA MET B 106 11.90 -2.19 -5.78
C MET B 106 11.49 -3.60 -6.17
N THR B 107 11.94 -4.62 -5.44
CA THR B 107 11.62 -6.00 -5.77
C THR B 107 11.35 -6.78 -4.49
N CYS B 108 10.58 -7.86 -4.64
CA CYS B 108 10.30 -8.77 -3.54
C CYS B 108 10.07 -10.16 -4.11
N ALA B 109 10.53 -11.18 -3.39
CA ALA B 109 10.41 -12.55 -3.84
C ALA B 109 9.95 -13.41 -2.67
N TYR B 110 9.26 -14.50 -3.00
CA TYR B 110 8.76 -15.45 -2.02
C TYR B 110 9.42 -16.79 -2.28
N ALA B 111 10.01 -17.38 -1.24
CA ALA B 111 10.75 -18.61 -1.41
C ALA B 111 9.81 -19.73 -1.88
N PRO B 112 10.30 -20.65 -2.73
CA PRO B 112 9.42 -21.74 -3.18
C PRO B 112 8.87 -22.57 -2.03
N SER B 113 9.67 -22.80 -0.99
CA SER B 113 9.19 -23.49 0.20
C SER B 113 8.39 -22.56 1.11
N GLY B 114 8.51 -21.25 0.93
CA GLY B 114 7.78 -20.28 1.72
C GLY B 114 8.40 -19.96 3.06
N ASN B 115 9.53 -20.56 3.41
CA ASN B 115 10.17 -20.28 4.69
C ASN B 115 10.89 -18.93 4.70
N TYR B 116 11.22 -18.38 3.54
CA TYR B 116 11.96 -17.12 3.46
C TYR B 116 11.32 -16.20 2.45
N VAL B 117 11.46 -14.89 2.69
CA VAL B 117 11.01 -13.84 1.79
C VAL B 117 12.13 -12.83 1.65
N ALA B 118 12.41 -12.42 0.41
CA ALA B 118 13.50 -11.49 0.13
C ALA B 118 12.97 -10.28 -0.64
N CYS B 119 13.64 -9.15 -0.45
CA CYS B 119 13.26 -7.92 -1.13
C CYS B 119 14.46 -6.98 -1.13
N GLY B 120 14.36 -5.95 -1.98
CA GLY B 120 15.40 -4.94 -2.06
C GLY B 120 15.04 -3.91 -3.10
N GLY B 121 15.98 -3.00 -3.35
CA GLY B 121 15.71 -1.86 -4.20
C GLY B 121 16.90 -0.93 -4.31
N LEU B 122 16.67 0.38 -4.09
CA LEU B 122 17.76 1.33 -4.18
C LEU B 122 18.92 0.92 -3.28
N ASP B 123 18.60 0.32 -2.13
CA ASP B 123 19.64 -0.33 -1.34
C ASP B 123 20.16 -1.55 -2.09
N ASN B 124 21.48 -1.73 -2.08
CA ASN B 124 22.11 -2.78 -2.86
C ASN B 124 22.06 -4.15 -2.20
N ILE B 125 21.16 -4.36 -1.24
CA ILE B 125 21.05 -5.61 -0.51
C ILE B 125 19.70 -6.24 -0.80
N CYS B 126 19.70 -7.52 -1.14
CA CYS B 126 18.46 -8.30 -1.29
C CYS B 126 18.21 -9.05 0.02
N SER B 127 17.81 -8.28 1.03
CA SER B 127 17.65 -8.82 2.37
C SER B 127 16.65 -9.96 2.37
N ILE B 128 17.01 -11.04 3.06
CA ILE B 128 16.16 -12.23 3.18
C ILE B 128 15.50 -12.21 4.54
N TYR B 129 14.19 -12.47 4.56
CA TYR B 129 13.40 -12.43 5.78
C TYR B 129 12.87 -13.83 6.05
N ASN B 130 13.03 -14.30 7.29
CA ASN B 130 12.61 -15.64 7.68
C ASN B 130 11.20 -15.57 8.25
N LEU B 131 10.24 -16.15 7.52
CA LEU B 131 8.86 -16.17 7.98
C LEU B 131 8.63 -17.18 9.09
N LYS B 132 9.41 -18.26 9.13
CA LYS B 132 9.27 -19.31 10.12
C LYS B 132 10.13 -19.09 11.35
N THR B 133 10.42 -17.83 11.67
CA THR B 133 11.22 -17.51 12.84
C THR B 133 10.55 -18.03 14.11
N ARG B 134 11.38 -18.54 15.04
CA ARG B 134 10.85 -19.08 16.29
C ARG B 134 10.21 -17.98 17.12
N GLU B 135 10.82 -16.79 17.16
CA GLU B 135 10.31 -15.70 17.99
C GLU B 135 9.01 -15.11 17.45
N GLY B 136 8.61 -15.46 16.24
CA GLY B 136 7.40 -14.91 15.63
C GLY B 136 7.61 -13.67 14.80
N ASN B 137 8.25 -12.65 15.37
CA ASN B 137 8.52 -11.43 14.60
C ASN B 137 9.56 -11.72 13.51
N VAL B 138 9.28 -11.21 12.31
CA VAL B 138 10.09 -11.53 11.14
C VAL B 138 11.40 -10.77 11.22
N ARG B 139 12.50 -11.50 11.09
CA ARG B 139 13.85 -10.94 11.23
C ARG B 139 14.56 -10.96 9.89
N VAL B 140 15.69 -10.24 9.85
CA VAL B 140 16.55 -10.19 8.67
C VAL B 140 17.52 -11.35 8.77
N SER B 141 17.20 -12.46 8.10
CA SER B 141 18.07 -13.64 8.17
C SER B 141 19.45 -13.35 7.58
N ARG B 142 19.49 -12.65 6.45
CA ARG B 142 20.77 -12.35 5.80
C ARG B 142 20.59 -11.11 4.95
N GLU B 143 21.71 -10.44 4.68
CA GLU B 143 21.74 -9.28 3.79
C GLU B 143 22.77 -9.55 2.70
N LEU B 144 22.33 -9.46 1.45
CA LEU B 144 23.19 -9.76 0.30
C LEU B 144 23.83 -8.48 -0.20
N ALA B 145 24.87 -8.04 0.52
CA ALA B 145 25.60 -6.84 0.17
C ALA B 145 26.74 -7.16 -0.78
N GLY B 146 27.05 -6.21 -1.66
CA GLY B 146 28.11 -6.38 -2.64
C GLY B 146 27.79 -5.74 -3.96
N HIS B 147 26.51 -5.49 -4.23
CA HIS B 147 26.10 -4.81 -5.45
C HIS B 147 26.42 -3.34 -5.35
N THR B 148 26.84 -2.75 -6.48
CA THR B 148 27.16 -1.33 -6.57
C THR B 148 26.06 -0.52 -7.24
N GLY B 149 24.88 -1.11 -7.44
CA GLY B 149 23.77 -0.40 -8.06
C GLY B 149 22.45 -0.82 -7.44
N TYR B 150 21.42 -0.03 -7.74
CA TYR B 150 20.09 -0.31 -7.21
C TYR B 150 19.64 -1.70 -7.62
N LEU B 151 19.08 -2.44 -6.66
CA LEU B 151 18.59 -3.78 -6.93
C LEU B 151 17.30 -3.71 -7.74
N SER B 152 17.23 -4.51 -8.81
CA SER B 152 16.07 -4.55 -9.67
C SER B 152 15.20 -5.77 -9.43
N CYS B 153 15.80 -6.92 -9.15
CA CYS B 153 15.05 -8.15 -8.92
C CYS B 153 15.98 -9.21 -8.37
N CYS B 154 15.51 -9.94 -7.36
CA CYS B 154 16.21 -11.12 -6.86
C CYS B 154 15.17 -12.20 -6.58
N ARG B 155 15.26 -13.30 -7.32
CA ARG B 155 14.30 -14.40 -7.25
C ARG B 155 14.93 -15.61 -6.58
N PHE B 156 14.19 -16.24 -5.67
CA PHE B 156 14.69 -17.39 -4.95
C PHE B 156 14.85 -18.59 -5.87
N LEU B 157 15.89 -19.39 -5.61
CA LEU B 157 16.05 -20.71 -6.21
C LEU B 157 15.63 -21.82 -5.25
N ASP B 158 16.04 -21.72 -3.99
CA ASP B 158 15.65 -22.66 -2.94
C ASP B 158 15.91 -21.99 -1.60
N ASP B 159 15.85 -22.77 -0.52
CA ASP B 159 16.08 -22.21 0.80
C ASP B 159 17.49 -21.66 0.97
N ASN B 160 18.43 -22.06 0.10
CA ASN B 160 19.83 -21.68 0.26
C ASN B 160 20.40 -20.87 -0.90
N GLN B 161 19.77 -20.88 -2.07
CA GLN B 161 20.30 -20.22 -3.26
C GLN B 161 19.30 -19.18 -3.76
N ILE B 162 19.82 -18.03 -4.16
CA ILE B 162 18.99 -16.94 -4.68
C ILE B 162 19.82 -16.15 -5.68
N VAL B 163 19.17 -15.72 -6.77
CA VAL B 163 19.79 -14.89 -7.80
C VAL B 163 19.37 -13.45 -7.59
N THR B 164 20.22 -12.52 -8.01
CA THR B 164 19.96 -11.10 -7.86
C THR B 164 20.30 -10.37 -9.15
N SER B 165 19.53 -9.33 -9.43
CA SER B 165 19.79 -8.43 -10.55
C SER B 165 19.66 -6.99 -10.07
N SER B 166 20.58 -6.14 -10.48
CA SER B 166 20.64 -4.76 -9.98
C SER B 166 21.05 -3.84 -11.12
N GLY B 167 21.30 -2.57 -10.78
CA GLY B 167 21.71 -1.57 -11.73
C GLY B 167 23.18 -1.57 -12.06
N ASP B 168 23.95 -2.50 -11.48
CA ASP B 168 25.37 -2.61 -11.79
C ASP B 168 25.61 -3.13 -13.20
N THR B 169 24.57 -3.58 -13.90
CA THR B 169 24.62 -4.20 -15.22
C THR B 169 25.08 -5.64 -15.11
N THR B 170 25.04 -6.23 -13.92
CA THR B 170 25.46 -7.61 -13.72
C THR B 170 24.52 -8.27 -12.72
N CYS B 171 24.37 -9.58 -12.86
CA CYS B 171 23.60 -10.40 -11.94
C CYS B 171 24.54 -11.27 -11.12
N ALA B 172 24.13 -11.59 -9.89
CA ALA B 172 24.95 -12.36 -8.98
C ALA B 172 24.12 -13.46 -8.33
N LEU B 173 24.77 -14.58 -8.06
CA LEU B 173 24.16 -15.71 -7.35
C LEU B 173 24.72 -15.77 -5.95
N TRP B 174 23.84 -15.82 -4.95
CA TRP B 174 24.23 -15.77 -3.55
C TRP B 174 23.77 -17.02 -2.82
N ASP B 175 24.54 -17.40 -1.81
CA ASP B 175 24.14 -18.42 -0.84
C ASP B 175 23.75 -17.71 0.45
N ILE B 176 22.52 -17.92 0.90
CA ILE B 176 22.04 -17.23 2.09
C ILE B 176 22.87 -17.63 3.30
N GLU B 177 23.16 -18.91 3.44
CA GLU B 177 23.95 -19.37 4.58
C GLU B 177 25.34 -18.74 4.55
N THR B 178 25.98 -18.73 3.37
CA THR B 178 27.31 -18.13 3.27
C THR B 178 27.25 -16.61 3.26
N GLY B 179 26.24 -16.04 2.60
CA GLY B 179 26.10 -14.61 2.53
C GLY B 179 27.04 -13.94 1.55
N GLN B 180 27.64 -14.68 0.63
CA GLN B 180 28.58 -14.15 -0.34
C GLN B 180 28.27 -14.70 -1.72
N GLN B 181 28.65 -13.93 -2.75
CA GLN B 181 28.40 -14.35 -4.12
C GLN B 181 29.21 -15.61 -4.44
N THR B 182 28.56 -16.53 -5.14
CA THR B 182 29.22 -17.75 -5.61
C THR B 182 29.33 -17.83 -7.12
N THR B 183 28.50 -17.10 -7.86
CA THR B 183 28.58 -17.06 -9.32
C THR B 183 28.08 -15.71 -9.78
N THR B 184 28.95 -14.94 -10.42
CA THR B 184 28.62 -13.60 -10.88
C THR B 184 28.43 -13.62 -12.40
N PHE B 185 27.30 -13.08 -12.85
CA PHE B 185 26.95 -13.04 -14.27
C PHE B 185 27.28 -11.65 -14.81
N THR B 186 28.10 -11.62 -15.86
CA THR B 186 28.52 -10.36 -16.48
C THR B 186 28.32 -10.45 -17.98
N GLY B 187 28.11 -9.29 -18.61
CA GLY B 187 27.93 -9.23 -20.04
C GLY B 187 26.90 -8.19 -20.47
N HIS B 188 26.03 -7.81 -19.54
CA HIS B 188 25.01 -6.81 -19.83
C HIS B 188 25.63 -5.41 -19.87
N THR B 189 25.28 -4.65 -20.90
CA THR B 189 25.72 -3.26 -21.01
C THR B 189 24.78 -2.30 -20.28
N GLY B 190 23.48 -2.57 -20.32
CA GLY B 190 22.51 -1.76 -19.62
C GLY B 190 22.12 -2.38 -18.28
N ASP B 191 21.46 -1.56 -17.46
CA ASP B 191 21.02 -2.01 -16.14
C ASP B 191 20.00 -3.13 -16.28
N VAL B 192 20.18 -4.18 -15.47
CA VAL B 192 19.24 -5.29 -15.47
C VAL B 192 18.01 -4.90 -14.67
N MET B 193 16.83 -5.10 -15.25
CA MET B 193 15.59 -4.64 -14.65
C MET B 193 14.68 -5.75 -14.14
N SER B 194 14.87 -6.98 -14.60
CA SER B 194 13.97 -8.06 -14.23
C SER B 194 14.70 -9.39 -14.33
N LEU B 195 14.13 -10.40 -13.66
CA LEU B 195 14.64 -11.76 -13.69
C LEU B 195 13.49 -12.73 -13.89
N SER B 196 13.83 -13.90 -14.42
CA SER B 196 12.84 -14.96 -14.64
C SER B 196 13.52 -16.30 -14.48
N LEU B 197 12.95 -17.16 -13.64
CA LEU B 197 13.50 -18.47 -13.35
C LEU B 197 12.72 -19.53 -14.11
N ALA B 198 13.45 -20.43 -14.76
CA ALA B 198 12.81 -21.47 -15.54
C ALA B 198 12.14 -22.49 -14.63
N PRO B 199 11.15 -23.24 -15.13
CA PRO B 199 10.49 -24.24 -14.27
C PRO B 199 11.46 -25.26 -13.69
N ASP B 200 12.48 -25.65 -14.45
CA ASP B 200 13.44 -26.64 -13.97
C ASP B 200 14.50 -26.03 -13.06
N THR B 201 14.53 -24.70 -12.93
CA THR B 201 15.48 -23.99 -12.08
C THR B 201 16.92 -24.11 -12.57
N ARG B 202 17.11 -24.56 -13.81
CA ARG B 202 18.46 -24.74 -14.36
C ARG B 202 18.96 -23.49 -15.09
N LEU B 203 18.07 -22.71 -15.69
CA LEU B 203 18.45 -21.53 -16.44
C LEU B 203 17.52 -20.37 -16.07
N PHE B 204 18.04 -19.16 -16.22
CA PHE B 204 17.26 -17.96 -15.99
C PHE B 204 17.63 -16.90 -17.02
N VAL B 205 16.66 -16.04 -17.34
CA VAL B 205 16.83 -14.99 -18.34
C VAL B 205 16.63 -13.65 -17.65
N SER B 206 17.53 -12.71 -17.90
CA SER B 206 17.49 -11.37 -17.31
C SER B 206 17.39 -10.33 -18.42
N GLY B 207 16.46 -9.39 -18.27
CA GLY B 207 16.32 -8.28 -19.19
C GLY B 207 17.02 -7.05 -18.66
N ALA B 208 17.58 -6.27 -19.57
CA ALA B 208 18.36 -5.10 -19.20
C ALA B 208 17.97 -3.92 -20.07
N CYS B 209 18.50 -2.74 -19.72
CA CYS B 209 18.14 -1.50 -20.39
C CYS B 209 18.70 -1.40 -21.81
N ASP B 210 19.62 -2.28 -22.18
CA ASP B 210 20.19 -2.25 -23.54
C ASP B 210 19.30 -2.93 -24.57
N ALA B 211 18.03 -3.18 -24.23
CA ALA B 211 17.07 -3.79 -25.16
C ALA B 211 17.51 -5.19 -25.56
N SER B 212 18.19 -5.90 -24.67
CA SER B 212 18.66 -7.26 -24.93
C SER B 212 18.37 -8.14 -23.73
N ALA B 213 17.97 -9.37 -24.00
CA ALA B 213 17.73 -10.38 -22.97
C ALA B 213 18.73 -11.52 -23.16
N LYS B 214 19.35 -11.94 -22.06
CA LYS B 214 20.41 -12.94 -22.09
C LYS B 214 20.01 -14.15 -21.26
N LEU B 215 20.34 -15.33 -21.77
CA LEU B 215 20.12 -16.59 -21.06
C LEU B 215 21.42 -16.99 -20.37
N TRP B 216 21.33 -17.37 -19.10
CA TRP B 216 22.50 -17.69 -18.30
C TRP B 216 22.32 -19.07 -17.65
N ASP B 217 23.45 -19.66 -17.29
CA ASP B 217 23.49 -20.91 -16.55
C ASP B 217 23.88 -20.63 -15.11
N VAL B 218 23.05 -21.07 -14.17
CA VAL B 218 23.29 -20.77 -12.76
C VAL B 218 24.54 -21.49 -12.25
N ARG B 219 24.75 -22.73 -12.72
CA ARG B 219 25.83 -23.53 -12.17
C ARG B 219 27.20 -22.93 -12.47
N GLU B 220 27.41 -22.43 -13.70
CA GLU B 220 28.71 -21.88 -14.09
C GLU B 220 28.67 -20.41 -14.49
N GLY B 221 27.50 -19.83 -14.75
CA GLY B 221 27.41 -18.43 -15.05
C GLY B 221 27.69 -18.04 -16.48
N MET B 222 27.81 -19.00 -17.39
CA MET B 222 28.05 -18.68 -18.79
C MET B 222 26.75 -18.28 -19.48
N CYS B 223 26.83 -17.26 -20.33
CA CYS B 223 25.67 -16.76 -21.05
C CYS B 223 25.37 -17.70 -22.22
N ARG B 224 24.27 -18.44 -22.10
CA ARG B 224 23.91 -19.40 -23.15
C ARG B 224 23.56 -18.69 -24.45
N GLN B 225 22.71 -17.66 -24.38
CA GLN B 225 22.20 -17.00 -25.57
C GLN B 225 22.00 -15.52 -25.28
N THR B 226 21.91 -14.74 -26.37
CA THR B 226 21.61 -13.32 -26.31
C THR B 226 20.44 -13.03 -27.23
N PHE B 227 19.44 -12.33 -26.71
CA PHE B 227 18.24 -12.00 -27.46
C PHE B 227 18.15 -10.49 -27.66
N THR B 228 17.81 -10.10 -28.88
CA THR B 228 17.68 -8.69 -29.24
C THR B 228 16.45 -8.48 -30.09
N GLY B 229 16.07 -7.23 -30.27
CA GLY B 229 14.92 -6.89 -31.09
C GLY B 229 14.11 -5.73 -30.52
N HIS B 230 14.16 -5.54 -29.21
CA HIS B 230 13.43 -4.46 -28.59
C HIS B 230 14.05 -3.11 -28.96
N GLU B 231 13.20 -2.10 -29.07
CA GLU B 231 13.61 -0.76 -29.46
C GLU B 231 13.90 0.14 -28.27
N SER B 232 13.74 -0.35 -27.04
CA SER B 232 13.96 0.47 -25.85
C SER B 232 14.33 -0.45 -24.70
N ASP B 233 14.38 0.13 -23.49
CA ASP B 233 14.79 -0.62 -22.31
C ASP B 233 13.78 -1.72 -21.99
N ILE B 234 14.28 -2.85 -21.53
CA ILE B 234 13.45 -3.99 -21.15
C ILE B 234 13.17 -3.91 -19.65
N ASN B 235 11.90 -3.98 -19.27
CA ASN B 235 11.49 -3.88 -17.88
C ASN B 235 10.83 -5.14 -17.33
N ALA B 236 10.34 -6.03 -18.20
CA ALA B 236 9.62 -7.22 -17.76
C ALA B 236 10.15 -8.44 -18.49
N ILE B 237 10.10 -9.58 -17.81
CA ILE B 237 10.52 -10.85 -18.39
C ILE B 237 9.90 -11.98 -17.57
N CYS B 238 9.41 -13.00 -18.27
CA CYS B 238 8.81 -14.14 -17.62
C CYS B 238 8.94 -15.36 -18.53
N PHE B 239 9.16 -16.52 -17.94
CA PHE B 239 9.32 -17.75 -18.70
C PHE B 239 7.99 -18.34 -19.11
N PHE B 240 7.98 -19.00 -20.26
CA PHE B 240 6.83 -19.79 -20.66
C PHE B 240 6.72 -21.02 -19.74
N PRO B 241 5.51 -21.48 -19.46
CA PRO B 241 5.38 -22.62 -18.53
C PRO B 241 6.20 -23.83 -18.92
N ASN B 242 6.32 -24.14 -20.21
CA ASN B 242 7.14 -25.27 -20.62
C ASN B 242 8.63 -25.03 -20.39
N GLY B 243 9.05 -23.77 -20.26
CA GLY B 243 10.43 -23.45 -20.03
C GLY B 243 11.27 -23.29 -21.29
N ASN B 244 10.70 -23.53 -22.46
CA ASN B 244 11.42 -23.42 -23.72
C ASN B 244 11.27 -22.06 -24.39
N ALA B 245 10.55 -21.13 -23.76
CA ALA B 245 10.36 -19.81 -24.32
C ALA B 245 10.07 -18.82 -23.20
N PHE B 246 10.22 -17.53 -23.52
CA PHE B 246 9.97 -16.47 -22.55
C PHE B 246 9.58 -15.20 -23.29
N ALA B 247 8.75 -14.39 -22.63
CA ALA B 247 8.31 -13.11 -23.16
C ALA B 247 8.94 -11.98 -22.37
N THR B 248 9.12 -10.85 -23.03
CA THR B 248 9.75 -9.69 -22.42
C THR B 248 8.91 -8.45 -22.71
N GLY B 249 8.96 -7.50 -21.78
CA GLY B 249 8.28 -6.22 -21.93
C GLY B 249 9.24 -5.06 -21.84
N SER B 250 9.17 -4.15 -22.81
CA SER B 250 10.12 -3.06 -22.92
C SER B 250 9.39 -1.73 -23.03
N ASP B 251 10.16 -0.64 -22.96
CA ASP B 251 9.59 0.70 -23.04
C ASP B 251 9.04 1.04 -24.42
N ASP B 252 9.33 0.22 -25.44
CA ASP B 252 8.84 0.48 -26.78
C ASP B 252 7.37 0.13 -26.96
N ALA B 253 6.68 -0.30 -25.89
CA ALA B 253 5.25 -0.61 -25.89
C ALA B 253 4.92 -1.88 -26.65
N THR B 254 5.90 -2.72 -26.96
CA THR B 254 5.67 -3.97 -27.68
C THR B 254 6.27 -5.12 -26.90
N CYS B 255 5.46 -6.13 -26.61
CA CYS B 255 5.95 -7.35 -25.97
C CYS B 255 6.39 -8.35 -27.03
N ARG B 256 7.53 -8.98 -26.78
CA ARG B 256 8.12 -9.92 -27.73
C ARG B 256 8.30 -11.27 -27.08
N LEU B 257 8.00 -12.33 -27.81
CA LEU B 257 8.14 -13.70 -27.34
C LEU B 257 9.39 -14.32 -27.94
N PHE B 258 10.27 -14.84 -27.09
CA PHE B 258 11.52 -15.45 -27.50
C PHE B 258 11.55 -16.91 -27.09
N ASP B 259 12.00 -17.77 -28.01
CA ASP B 259 12.16 -19.19 -27.75
C ASP B 259 13.64 -19.49 -27.58
N LEU B 260 13.99 -20.16 -26.48
CA LEU B 260 15.39 -20.41 -26.18
C LEU B 260 16.05 -21.23 -27.28
N ARG B 261 15.39 -22.31 -27.72
CA ARG B 261 15.96 -23.15 -28.76
C ARG B 261 16.10 -22.40 -30.07
N ALA B 262 15.09 -21.61 -30.44
CA ALA B 262 15.16 -20.83 -31.68
C ALA B 262 16.15 -19.69 -31.56
N ASP B 263 16.36 -19.16 -30.35
CA ASP B 263 17.30 -18.07 -30.11
C ASP B 263 16.92 -16.82 -30.90
N GLN B 264 15.62 -16.56 -31.04
CA GLN B 264 15.16 -15.37 -31.76
C GLN B 264 13.70 -15.13 -31.42
N GLU B 265 13.21 -13.97 -31.83
CA GLU B 265 11.81 -13.60 -31.58
C GLU B 265 10.88 -14.52 -32.37
N LEU B 266 9.73 -14.82 -31.77
CA LEU B 266 8.67 -15.60 -32.41
C LEU B 266 7.42 -14.78 -32.68
N MET B 267 6.98 -13.99 -31.72
CA MET B 267 5.77 -13.19 -31.86
C MET B 267 5.99 -11.84 -31.17
N THR B 268 5.30 -10.82 -31.69
CA THR B 268 5.33 -9.48 -31.12
C THR B 268 3.91 -9.05 -30.84
N TYR B 269 3.67 -8.55 -29.63
CA TYR B 269 2.35 -8.12 -29.17
C TYR B 269 2.37 -6.61 -28.99
N SER B 270 1.63 -5.90 -29.84
CA SER B 270 1.55 -4.45 -29.74
C SER B 270 0.28 -3.98 -30.45
N HIS B 271 -0.18 -2.79 -30.06
CA HIS B 271 -1.36 -2.19 -30.67
C HIS B 271 -1.13 -0.69 -30.80
N ASP B 272 -1.78 -0.09 -31.79
CA ASP B 272 -1.67 1.35 -31.99
C ASP B 272 -2.20 2.12 -30.79
N ASN B 273 -3.18 1.55 -30.09
CA ASN B 273 -3.73 2.23 -28.92
C ASN B 273 -2.67 2.40 -27.84
N ILE B 274 -1.85 1.36 -27.62
CA ILE B 274 -0.81 1.42 -26.59
C ILE B 274 0.39 2.15 -27.15
N ILE B 275 0.76 3.26 -26.52
CA ILE B 275 1.90 4.07 -26.94
C ILE B 275 2.82 4.28 -25.74
N CYS B 276 2.81 3.32 -24.80
CA CYS B 276 3.56 3.45 -23.57
C CYS B 276 4.22 2.12 -23.24
N GLY B 277 5.27 2.17 -22.41
CA GLY B 277 6.07 1.01 -22.13
C GLY B 277 5.37 -0.01 -21.25
N ILE B 278 6.00 -1.17 -21.15
CA ILE B 278 5.51 -2.29 -20.35
C ILE B 278 6.26 -2.31 -19.03
N THR B 279 5.55 -2.69 -17.95
CA THR B 279 6.11 -2.72 -16.62
C THR B 279 6.29 -4.13 -16.07
N SER B 280 5.40 -5.06 -16.41
CA SER B 280 5.48 -6.42 -15.91
C SER B 280 4.89 -7.36 -16.94
N VAL B 281 5.35 -8.61 -16.92
CA VAL B 281 4.89 -9.64 -17.84
C VAL B 281 4.78 -10.95 -17.09
N SER B 282 3.76 -11.73 -17.44
CA SER B 282 3.57 -13.05 -16.83
C SER B 282 2.80 -13.93 -17.80
N PHE B 283 2.87 -15.24 -17.56
CA PHE B 283 2.19 -16.23 -18.37
C PHE B 283 1.25 -17.05 -17.51
N SER B 284 0.13 -17.48 -18.10
CA SER B 284 -0.79 -18.35 -17.42
C SER B 284 -0.16 -19.73 -17.23
N LYS B 285 -0.88 -20.62 -16.54
CA LYS B 285 -0.35 -21.96 -16.32
C LYS B 285 -0.09 -22.68 -17.62
N SER B 286 -1.03 -22.61 -18.57
CA SER B 286 -0.84 -23.21 -19.87
C SER B 286 0.06 -22.38 -20.77
N GLY B 287 0.20 -21.09 -20.50
CA GLY B 287 1.00 -20.21 -21.33
C GLY B 287 0.28 -19.66 -22.54
N ARG B 288 -0.97 -20.05 -22.77
CA ARG B 288 -1.70 -19.55 -23.93
C ARG B 288 -2.00 -18.06 -23.78
N LEU B 289 -2.27 -17.60 -22.57
CA LEU B 289 -2.61 -16.22 -22.31
C LEU B 289 -1.39 -15.49 -21.75
N LEU B 290 -1.02 -14.40 -22.41
CA LEU B 290 0.10 -13.56 -21.99
C LEU B 290 -0.45 -12.30 -21.34
N LEU B 291 -0.16 -12.11 -20.05
CA LEU B 291 -0.63 -10.96 -19.30
C LEU B 291 0.56 -10.07 -18.96
N ALA B 292 0.45 -8.79 -19.31
CA ALA B 292 1.52 -7.83 -19.07
C ALA B 292 0.93 -6.52 -18.58
N GLY B 293 1.58 -5.94 -17.58
CA GLY B 293 1.16 -4.62 -17.10
C GLY B 293 1.58 -3.53 -18.05
N TYR B 294 0.75 -2.49 -18.12
CA TYR B 294 0.97 -1.37 -19.02
C TYR B 294 0.72 -0.06 -18.30
N ASP B 295 1.37 1.00 -18.79
CA ASP B 295 1.06 2.34 -18.33
C ASP B 295 -0.31 2.76 -18.85
N ASP B 296 -0.76 3.93 -18.39
CA ASP B 296 -2.09 4.53 -18.60
C ASP B 296 -3.12 3.89 -17.69
N PHE B 297 -2.69 3.09 -16.71
CA PHE B 297 -3.51 2.62 -15.60
C PHE B 297 -4.41 1.44 -15.95
N ASN B 298 -4.12 0.68 -17.01
CA ASN B 298 -4.88 -0.54 -17.27
C ASN B 298 -3.93 -1.62 -17.76
N CYS B 299 -4.39 -2.87 -17.66
CA CYS B 299 -3.64 -4.04 -18.09
C CYS B 299 -4.38 -4.75 -19.21
N ASN B 300 -3.62 -5.45 -20.05
CA ASN B 300 -4.17 -6.15 -21.21
C ASN B 300 -3.70 -7.59 -21.21
N VAL B 301 -4.49 -8.45 -21.86
CA VAL B 301 -4.19 -9.87 -21.99
C VAL B 301 -3.99 -10.17 -23.47
N TRP B 302 -2.89 -10.82 -23.79
CA TRP B 302 -2.52 -11.15 -25.17
C TRP B 302 -2.47 -12.66 -25.35
N ASP B 303 -3.00 -13.12 -26.48
CA ASP B 303 -2.94 -14.53 -26.82
C ASP B 303 -1.52 -14.90 -27.22
N ALA B 304 -0.90 -15.82 -26.49
CA ALA B 304 0.47 -16.20 -26.77
C ALA B 304 0.64 -16.78 -28.16
N LEU B 305 -0.42 -17.33 -28.74
CA LEU B 305 -0.37 -17.92 -30.07
C LEU B 305 -0.93 -17.00 -31.15
N LYS B 306 -2.15 -16.51 -30.95
CA LYS B 306 -2.79 -15.64 -31.93
C LYS B 306 -2.36 -14.19 -31.82
N ALA B 307 -1.72 -13.80 -30.73
CA ALA B 307 -1.25 -12.44 -30.48
C ALA B 307 -2.38 -11.43 -30.36
N ASP B 308 -3.62 -11.87 -30.35
CA ASP B 308 -4.75 -10.97 -30.23
C ASP B 308 -4.93 -10.51 -28.79
N ARG B 309 -5.51 -9.32 -28.64
CA ARG B 309 -5.79 -8.77 -27.31
C ARG B 309 -7.00 -9.50 -26.74
N ALA B 310 -6.73 -10.52 -25.92
CA ALA B 310 -7.82 -11.34 -25.39
C ALA B 310 -8.76 -10.52 -24.52
N GLY B 311 -8.21 -9.66 -23.67
CA GLY B 311 -9.05 -8.88 -22.78
C GLY B 311 -8.26 -7.77 -22.13
N VAL B 312 -8.97 -6.98 -21.32
CA VAL B 312 -8.39 -5.85 -20.61
C VAL B 312 -8.68 -6.00 -19.13
N LEU B 313 -7.65 -5.87 -18.30
CA LEU B 313 -7.81 -5.90 -16.84
C LEU B 313 -7.77 -4.46 -16.32
N ALA B 314 -8.92 -3.81 -16.39
CA ALA B 314 -9.05 -2.41 -15.99
C ALA B 314 -9.62 -2.33 -14.57
N GLY B 315 -9.26 -1.25 -13.89
CA GLY B 315 -9.71 -1.04 -12.53
C GLY B 315 -8.67 -0.38 -11.64
N HIS B 316 -7.40 -0.46 -12.06
CA HIS B 316 -6.33 0.17 -11.32
C HIS B 316 -6.26 1.65 -11.66
N ASP B 317 -6.11 2.48 -10.62
CA ASP B 317 -6.09 3.93 -10.78
C ASP B 317 -4.69 4.48 -11.05
N ASN B 318 -3.67 3.62 -11.09
CA ASN B 318 -2.31 4.06 -11.35
C ASN B 318 -1.59 2.99 -12.15
N ARG B 319 -0.32 3.23 -12.43
CA ARG B 319 0.48 2.30 -13.23
C ARG B 319 0.49 0.92 -12.59
N VAL B 320 0.33 -0.10 -13.42
CA VAL B 320 0.42 -1.49 -12.97
C VAL B 320 1.89 -1.88 -12.91
N SER B 321 2.51 -1.65 -11.75
CA SER B 321 3.96 -1.85 -11.64
C SER B 321 4.34 -3.32 -11.71
N CYS B 322 3.55 -4.21 -11.11
CA CYS B 322 3.88 -5.63 -11.04
C CYS B 322 2.66 -6.47 -11.38
N LEU B 323 2.93 -7.67 -11.86
CA LEU B 323 1.89 -8.62 -12.22
C LEU B 323 2.39 -10.03 -11.92
N GLY B 324 1.52 -10.86 -11.35
CA GLY B 324 1.88 -12.21 -11.00
C GLY B 324 0.72 -13.16 -11.21
N VAL B 325 1.06 -14.40 -11.53
CA VAL B 325 0.08 -15.46 -11.76
C VAL B 325 0.40 -16.64 -10.86
N THR B 326 -0.63 -17.21 -10.25
CA THR B 326 -0.44 -18.36 -9.39
C THR B 326 0.10 -19.55 -10.18
N ASP B 327 0.89 -20.38 -9.50
CA ASP B 327 1.45 -21.56 -10.16
C ASP B 327 0.36 -22.44 -10.74
N ASP B 328 -0.77 -22.54 -10.06
CA ASP B 328 -1.91 -23.31 -10.57
C ASP B 328 -2.75 -22.53 -11.56
N GLY B 329 -2.49 -21.23 -11.74
CA GLY B 329 -3.26 -20.43 -12.66
C GLY B 329 -4.67 -20.15 -12.22
N MET B 330 -4.97 -20.31 -10.93
CA MET B 330 -6.33 -20.08 -10.45
C MET B 330 -6.73 -18.61 -10.58
N ALA B 331 -5.80 -17.70 -10.29
CA ALA B 331 -6.10 -16.28 -10.31
C ALA B 331 -4.83 -15.50 -10.60
N VAL B 332 -5.02 -14.24 -11.02
CA VAL B 332 -3.93 -13.33 -11.34
C VAL B 332 -4.07 -12.11 -10.43
N ALA B 333 -2.97 -11.74 -9.78
CA ALA B 333 -2.93 -10.57 -8.90
C ALA B 333 -2.04 -9.52 -9.53
N THR B 334 -2.58 -8.31 -9.70
CA THR B 334 -1.87 -7.20 -10.33
C THR B 334 -1.67 -6.10 -9.30
N GLY B 335 -0.41 -5.72 -9.06
CA GLY B 335 -0.12 -4.58 -8.23
C GLY B 335 0.00 -3.31 -9.05
N SER B 336 -0.16 -2.18 -8.39
CA SER B 336 -0.13 -0.89 -9.07
C SER B 336 0.30 0.19 -8.08
N TRP B 337 0.66 1.34 -8.65
CA TRP B 337 1.19 2.45 -7.85
C TRP B 337 0.12 3.12 -6.98
N ASP B 338 -1.16 2.77 -7.16
CA ASP B 338 -2.21 3.31 -6.30
C ASP B 338 -2.25 2.64 -4.94
N SER B 339 -1.31 1.75 -4.64
CA SER B 339 -1.22 1.09 -3.34
C SER B 339 -2.30 0.03 -3.14
N PHE B 340 -2.75 -0.61 -4.22
CA PHE B 340 -3.78 -1.64 -4.14
C PHE B 340 -3.41 -2.79 -5.07
N LEU B 341 -3.62 -4.01 -4.59
CA LEU B 341 -3.48 -5.21 -5.39
C LEU B 341 -4.85 -5.82 -5.63
N LYS B 342 -5.14 -6.14 -6.90
CA LYS B 342 -6.42 -6.71 -7.29
C LYS B 342 -6.17 -8.11 -7.85
N ILE B 343 -6.92 -9.09 -7.34
CA ILE B 343 -6.82 -10.47 -7.79
C ILE B 343 -7.93 -10.73 -8.79
N TRP B 344 -7.57 -11.24 -9.96
CA TRP B 344 -8.51 -11.45 -11.06
C TRP B 344 -8.66 -12.94 -11.35
N GLN C 3 10.59 -19.06 25.87
CA GLN C 3 10.63 -19.57 27.27
C GLN C 3 9.51 -18.93 28.10
N LEU C 4 8.79 -19.77 28.83
CA LEU C 4 7.70 -19.33 29.69
C LEU C 4 7.89 -19.89 31.08
N VAL C 5 7.74 -19.05 32.09
CA VAL C 5 7.87 -19.44 33.49
C VAL C 5 6.65 -18.91 34.23
N GLU C 6 6.03 -19.77 35.03
CA GLU C 6 4.83 -19.43 35.79
C GLU C 6 5.19 -19.21 37.26
N SER C 7 4.57 -18.20 37.86
CA SER C 7 4.77 -17.89 39.27
C SER C 7 3.45 -17.45 39.87
N GLY C 8 3.35 -17.60 41.19
CA GLY C 8 2.14 -17.22 41.90
C GLY C 8 1.28 -18.41 42.26
N GLY C 9 1.90 -19.48 42.73
CA GLY C 9 1.21 -20.68 43.17
C GLY C 9 1.14 -20.79 44.67
N GLY C 10 1.15 -22.02 45.16
CA GLY C 10 1.13 -22.30 46.58
C GLY C 10 -0.25 -22.67 47.08
N LEU C 11 -0.29 -23.14 48.34
CA LEU C 11 -1.54 -23.56 48.95
C LEU C 11 -2.43 -22.35 49.21
N VAL C 12 -3.73 -22.53 48.95
CA VAL C 12 -4.72 -21.50 49.16
C VAL C 12 -5.93 -22.11 49.86
N GLN C 13 -6.65 -21.27 50.60
CA GLN C 13 -7.88 -21.71 51.24
C GLN C 13 -9.04 -21.65 50.26
N PRO C 14 -10.09 -22.45 50.48
CA PRO C 14 -11.24 -22.40 49.57
C PRO C 14 -11.85 -21.01 49.51
N GLY C 15 -12.26 -20.60 48.32
CA GLY C 15 -12.84 -19.30 48.12
C GLY C 15 -11.87 -18.14 48.13
N GLY C 16 -10.57 -18.42 48.15
CA GLY C 16 -9.57 -17.36 48.18
C GLY C 16 -9.25 -16.82 46.80
N SER C 17 -8.28 -15.92 46.77
CA SER C 17 -7.83 -15.28 45.54
C SER C 17 -6.32 -15.26 45.52
N ARG C 18 -5.75 -15.50 44.33
CA ARG C 18 -4.31 -15.45 44.14
C ARG C 18 -4.01 -14.96 42.74
N LYS C 19 -2.81 -14.39 42.57
CA LYS C 19 -2.36 -13.82 41.32
C LYS C 19 -1.35 -14.75 40.67
N LEU C 20 -1.58 -15.06 39.39
CA LEU C 20 -0.67 -15.89 38.61
C LEU C 20 0.04 -15.02 37.59
N SER C 21 1.37 -15.13 37.56
CA SER C 21 2.20 -14.37 36.64
C SER C 21 2.95 -15.33 35.72
N CYS C 22 2.92 -15.03 34.42
CA CYS C 22 3.58 -15.84 33.39
C CYS C 22 4.52 -14.93 32.61
N SER C 23 5.76 -14.84 33.07
CA SER C 23 6.76 -14.02 32.38
C SER C 23 7.09 -14.64 31.03
N ALA C 24 7.16 -13.79 30.00
CA ALA C 24 7.44 -14.22 28.64
C ALA C 24 8.79 -13.66 28.21
N SER C 25 9.62 -14.52 27.63
CA SER C 25 10.92 -14.12 27.13
C SER C 25 11.30 -15.01 25.96
N GLY C 26 12.21 -14.51 25.12
CA GLY C 26 12.67 -15.26 23.98
C GLY C 26 11.76 -15.23 22.78
N PHE C 27 10.70 -14.42 22.80
CA PHE C 27 9.79 -14.31 21.67
C PHE C 27 8.98 -13.04 21.82
N ALA C 28 8.34 -12.64 20.72
CA ALA C 28 7.53 -11.42 20.69
C ALA C 28 6.18 -11.72 21.34
N PHE C 29 6.14 -11.54 22.66
CA PHE C 29 4.92 -11.83 23.41
C PHE C 29 3.73 -11.02 22.91
N SER C 30 3.98 -9.83 22.37
CA SER C 30 2.88 -8.97 21.94
C SER C 30 2.09 -9.60 20.81
N SER C 31 2.78 -10.25 19.87
CA SER C 31 2.15 -10.80 18.67
C SER C 31 1.64 -12.23 18.86
N PHE C 32 1.79 -12.79 20.06
CA PHE C 32 1.39 -14.17 20.34
C PHE C 32 0.16 -14.18 21.24
N GLY C 33 -0.88 -14.89 20.82
CA GLY C 33 -2.01 -15.13 21.69
C GLY C 33 -1.64 -16.08 22.82
N MET C 34 -2.33 -15.91 23.95
CA MET C 34 -2.02 -16.67 25.16
C MET C 34 -3.23 -17.47 25.61
N HIS C 35 -2.98 -18.72 26.00
CA HIS C 35 -4.01 -19.61 26.52
C HIS C 35 -3.57 -20.14 27.88
N TRP C 36 -4.54 -20.36 28.76
CA TRP C 36 -4.30 -20.95 30.06
C TRP C 36 -4.94 -22.33 30.10
N VAL C 37 -4.14 -23.34 30.41
CA VAL C 37 -4.61 -24.73 30.51
C VAL C 37 -4.19 -25.27 31.86
N ARG C 38 -5.16 -25.82 32.59
CA ARG C 38 -4.91 -26.38 33.92
C ARG C 38 -5.04 -27.89 33.87
N GLN C 39 -4.08 -28.58 34.46
CA GLN C 39 -4.06 -30.04 34.50
C GLN C 39 -4.11 -30.49 35.96
N ALA C 40 -5.07 -31.36 36.28
CA ALA C 40 -5.18 -31.90 37.62
C ALA C 40 -4.05 -32.89 37.86
N PRO C 41 -3.79 -33.24 39.13
CA PRO C 41 -2.69 -34.17 39.41
C PRO C 41 -2.80 -35.49 38.66
N GLU C 42 -4.01 -35.96 38.37
CA GLU C 42 -4.21 -37.22 37.68
C GLU C 42 -5.08 -37.13 36.43
N LYS C 43 -5.97 -36.15 36.33
CA LYS C 43 -6.84 -36.05 35.17
C LYS C 43 -6.12 -35.34 34.03
N GLY C 44 -6.82 -35.20 32.89
CA GLY C 44 -6.24 -34.63 31.70
C GLY C 44 -6.26 -33.12 31.69
N LEU C 45 -5.81 -32.56 30.58
CA LEU C 45 -5.74 -31.11 30.43
C LEU C 45 -7.13 -30.50 30.35
N GLU C 46 -7.25 -29.29 30.88
CA GLU C 46 -8.51 -28.55 30.85
C GLU C 46 -8.23 -27.10 30.48
N TRP C 47 -8.91 -26.61 29.45
CA TRP C 47 -8.73 -25.22 29.03
C TRP C 47 -9.37 -24.27 30.03
N VAL C 48 -8.70 -23.15 30.28
CA VAL C 48 -9.13 -22.16 31.28
C VAL C 48 -9.61 -20.88 30.61
N ALA C 49 -8.72 -20.19 29.90
CA ALA C 49 -9.08 -18.92 29.28
C ALA C 49 -8.11 -18.63 28.14
N TYR C 50 -8.52 -17.70 27.28
CA TYR C 50 -7.72 -17.29 26.14
C TYR C 50 -7.80 -15.77 25.98
N ILE C 51 -6.66 -15.15 25.75
CA ILE C 51 -6.57 -13.72 25.47
C ILE C 51 -5.79 -13.54 24.18
N SER C 52 -6.38 -12.80 23.24
CA SER C 52 -5.73 -12.57 21.95
C SER C 52 -4.69 -11.47 22.07
N SER C 53 -3.87 -11.34 21.02
CA SER C 53 -2.84 -10.31 20.99
C SER C 53 -3.49 -8.93 21.11
N GLY C 54 -2.94 -8.10 21.99
CA GLY C 54 -3.48 -6.78 22.21
C GLY C 54 -4.72 -6.74 23.07
N SER C 55 -5.13 -7.87 23.65
CA SER C 55 -6.31 -7.96 24.49
C SER C 55 -7.58 -7.56 23.76
N GLY C 56 -7.60 -7.70 22.43
CA GLY C 56 -8.78 -7.35 21.65
C GLY C 56 -9.92 -8.33 21.80
N THR C 57 -9.62 -9.58 22.16
CA THR C 57 -10.65 -10.60 22.35
C THR C 57 -10.25 -11.48 23.52
N ILE C 58 -11.18 -11.69 24.45
CA ILE C 58 -10.94 -12.49 25.64
C ILE C 58 -12.07 -13.51 25.78
N TYR C 59 -11.69 -14.77 26.01
CA TYR C 59 -12.65 -15.86 26.16
C TYR C 59 -12.31 -16.65 27.41
N TYR C 60 -13.36 -17.21 28.03
CA TYR C 60 -13.22 -18.01 29.23
C TYR C 60 -14.06 -19.28 29.09
N ALA C 61 -13.65 -20.31 29.81
CA ALA C 61 -14.40 -21.56 29.82
C ALA C 61 -15.66 -21.39 30.68
N ASP C 62 -16.67 -22.23 30.39
CA ASP C 62 -17.91 -22.16 31.14
C ASP C 62 -17.68 -22.42 32.63
N THR C 63 -16.74 -23.31 32.96
CA THR C 63 -16.45 -23.61 34.35
C THR C 63 -15.82 -22.43 35.09
N VAL C 64 -15.24 -21.48 34.36
CA VAL C 64 -14.57 -20.33 34.97
C VAL C 64 -15.08 -19.00 34.44
N LYS C 65 -16.04 -19.01 33.51
CA LYS C 65 -16.56 -17.76 32.97
C LYS C 65 -17.15 -16.92 34.09
N GLY C 66 -16.78 -15.64 34.14
CA GLY C 66 -17.26 -14.74 35.16
C GLY C 66 -16.60 -14.91 36.51
N ARG C 67 -15.55 -15.73 36.60
CA ARG C 67 -14.87 -15.97 37.87
C ARG C 67 -13.38 -15.67 37.74
N PHE C 68 -12.81 -15.92 36.56
CA PHE C 68 -11.41 -15.68 36.30
C PHE C 68 -11.27 -14.58 35.24
N THR C 69 -10.30 -13.71 35.43
CA THR C 69 -10.00 -12.62 34.50
C THR C 69 -8.56 -12.72 34.05
N ILE C 70 -8.34 -12.47 32.76
CA ILE C 70 -7.02 -12.59 32.13
C ILE C 70 -6.67 -11.25 31.50
N SER C 71 -5.44 -10.79 31.75
CA SER C 71 -4.97 -9.51 31.23
C SER C 71 -3.54 -9.67 30.75
N ARG C 72 -3.12 -8.73 29.90
CA ARG C 72 -1.78 -8.72 29.32
C ARG C 72 -1.11 -7.38 29.58
N ASP C 73 0.21 -7.41 29.66
CA ASP C 73 1.03 -6.20 29.80
C ASP C 73 2.24 -6.37 28.88
N ASP C 74 2.10 -5.88 27.65
CA ASP C 74 3.16 -6.06 26.67
C ASP C 74 4.50 -5.47 27.11
N PRO C 75 4.56 -4.26 27.68
CA PRO C 75 5.87 -3.71 28.06
C PRO C 75 6.66 -4.61 28.99
N LYS C 76 5.99 -5.29 29.93
CA LYS C 76 6.66 -6.19 30.86
C LYS C 76 6.77 -7.62 30.33
N ASN C 77 6.18 -7.90 29.17
CA ASN C 77 6.24 -9.24 28.57
C ASN C 77 5.75 -10.30 29.56
N THR C 78 4.68 -9.99 30.29
CA THR C 78 4.12 -10.87 31.29
C THR C 78 2.63 -11.04 31.07
N LEU C 79 2.13 -12.26 31.28
CA LEU C 79 0.72 -12.58 31.18
C LEU C 79 0.16 -12.77 32.58
N PHE C 80 -0.96 -12.13 32.87
CA PHE C 80 -1.56 -12.14 34.20
C PHE C 80 -2.92 -12.84 34.16
N LEU C 81 -3.24 -13.51 35.27
CA LEU C 81 -4.52 -14.21 35.44
C LEU C 81 -4.97 -14.02 36.88
N GLN C 82 -5.81 -13.00 37.11
CA GLN C 82 -6.35 -12.73 38.43
C GLN C 82 -7.42 -13.76 38.76
N MET C 83 -7.22 -14.53 39.83
CA MET C 83 -8.13 -15.58 40.23
C MET C 83 -8.84 -15.16 41.51
N THR C 84 -10.17 -15.26 41.51
CA THR C 84 -10.97 -14.94 42.68
C THR C 84 -12.03 -16.02 42.88
N SER C 85 -12.44 -16.20 44.14
CA SER C 85 -13.45 -17.20 44.49
C SER C 85 -13.03 -18.60 44.02
N LEU C 86 -11.80 -18.97 44.38
CA LEU C 86 -11.28 -20.28 44.00
C LEU C 86 -12.13 -21.38 44.62
N ARG C 87 -12.52 -22.36 43.80
CA ARG C 87 -13.30 -23.49 44.26
C ARG C 87 -12.38 -24.65 44.65
N SER C 88 -12.98 -25.66 45.28
CA SER C 88 -12.21 -26.84 45.67
C SER C 88 -11.68 -27.57 44.45
N GLU C 89 -12.49 -27.68 43.40
CA GLU C 89 -12.07 -28.40 42.19
C GLU C 89 -11.04 -27.64 41.39
N ASP C 90 -10.77 -26.37 41.72
CA ASP C 90 -9.82 -25.57 40.94
C ASP C 90 -8.39 -26.06 41.08
N THR C 91 -8.10 -26.95 42.02
CA THR C 91 -6.74 -27.46 42.18
C THR C 91 -6.28 -28.11 40.89
N ALA C 92 -5.18 -27.61 40.35
CA ALA C 92 -4.62 -28.12 39.10
C ALA C 92 -3.32 -27.38 38.81
N MET C 93 -2.52 -27.95 37.91
CA MET C 93 -1.27 -27.34 37.48
C MET C 93 -1.56 -26.49 36.24
N TYR C 94 -1.39 -25.18 36.37
CA TYR C 94 -1.71 -24.26 35.29
C TYR C 94 -0.53 -24.11 34.35
N TYR C 95 -0.79 -24.26 33.06
CA TYR C 95 0.23 -24.18 32.02
C TYR C 95 0.02 -22.91 31.20
N CYS C 96 1.09 -22.14 31.01
CA CYS C 96 1.06 -20.96 30.16
C CYS C 96 1.38 -21.37 28.74
N VAL C 97 0.43 -21.19 27.83
CA VAL C 97 0.52 -21.69 26.46
C VAL C 97 0.66 -20.51 25.51
N ARG C 98 1.62 -20.61 24.60
CA ARG C 98 1.84 -19.60 23.57
C ARG C 98 1.18 -20.04 22.28
N SER C 99 0.56 -19.09 21.57
CA SER C 99 -0.13 -19.40 20.33
C SER C 99 -0.20 -18.15 19.45
N ILE C 100 -0.07 -18.36 18.14
CA ILE C 100 -0.23 -17.31 17.15
C ILE C 100 -1.14 -17.84 16.05
N TYR C 101 -2.06 -17.00 15.58
CA TYR C 101 -3.11 -17.42 14.65
C TYR C 101 -2.94 -16.69 13.32
N TYR C 102 -2.44 -17.42 12.32
CA TYR C 102 -2.40 -16.94 10.94
C TYR C 102 -2.25 -18.15 10.05
N TYR C 103 -2.49 -17.96 8.75
CA TYR C 103 -2.42 -19.07 7.82
C TYR C 103 -1.05 -19.73 7.88
N GLY C 104 -1.05 -21.06 8.04
CA GLY C 104 0.18 -21.81 8.15
C GLY C 104 0.84 -21.73 9.52
N SER C 105 0.19 -21.14 10.51
CA SER C 105 0.77 -21.01 11.84
C SER C 105 0.64 -22.32 12.61
N SER C 106 1.26 -22.35 13.78
CA SER C 106 1.25 -23.52 14.67
C SER C 106 0.83 -23.07 16.06
N PRO C 107 -0.46 -22.83 16.28
CA PRO C 107 -0.92 -22.43 17.62
C PRO C 107 -0.62 -23.51 18.65
N PHE C 108 -0.41 -23.06 19.89
CA PHE C 108 -0.08 -23.94 21.01
C PHE C 108 1.26 -24.64 20.80
N ASP C 109 2.13 -24.07 19.98
CA ASP C 109 3.42 -24.71 19.70
C ASP C 109 4.27 -24.83 20.95
N PHE C 110 4.30 -23.78 21.78
CA PHE C 110 5.15 -23.74 22.96
C PHE C 110 4.28 -23.69 24.21
N TRP C 111 4.61 -24.54 25.18
CA TRP C 111 3.92 -24.59 26.47
C TRP C 111 4.91 -24.31 27.58
N GLY C 112 4.49 -23.53 28.57
CA GLY C 112 5.34 -23.24 29.70
C GLY C 112 5.51 -24.44 30.61
N GLN C 113 6.51 -24.36 31.49
CA GLN C 113 6.75 -25.46 32.42
C GLN C 113 5.55 -25.68 33.34
N GLY C 114 4.87 -24.61 33.73
CA GLY C 114 3.68 -24.71 34.54
C GLY C 114 3.98 -24.62 36.03
N THR C 115 2.94 -24.28 36.78
CA THR C 115 3.01 -24.16 38.23
C THR C 115 1.84 -24.91 38.85
N THR C 116 2.08 -25.49 40.03
CA THR C 116 1.08 -26.29 40.72
C THR C 116 0.39 -25.44 41.78
N LEU C 117 -0.94 -25.48 41.79
CA LEU C 117 -1.75 -24.76 42.77
C LEU C 117 -2.68 -25.74 43.46
N THR C 118 -2.71 -25.69 44.78
CA THR C 118 -3.54 -26.57 45.59
C THR C 118 -4.46 -25.73 46.47
N VAL C 119 -5.71 -26.16 46.59
CA VAL C 119 -6.72 -25.49 47.40
C VAL C 119 -7.16 -26.44 48.50
N SER C 120 -7.14 -25.97 49.74
CA SER C 120 -7.54 -26.79 50.88
C SER C 120 -9.05 -27.02 50.87
N SER C 136 -23.28 -28.96 24.37
CA SER C 136 -23.04 -28.12 23.20
C SER C 136 -21.57 -28.14 22.82
N ASP C 137 -20.70 -28.03 23.81
CA ASP C 137 -19.26 -28.04 23.56
C ASP C 137 -18.82 -29.39 23.03
N ILE C 138 -17.85 -29.36 22.11
CA ILE C 138 -17.32 -30.60 21.55
C ILE C 138 -16.57 -31.37 22.61
N VAL C 139 -16.80 -32.69 22.66
CA VAL C 139 -16.16 -33.58 23.61
C VAL C 139 -15.35 -34.61 22.84
N MET C 140 -14.10 -34.79 23.24
CA MET C 140 -13.20 -35.75 22.61
C MET C 140 -13.17 -37.03 23.44
N THR C 141 -13.33 -38.17 22.77
CA THR C 141 -13.38 -39.46 23.42
C THR C 141 -12.09 -40.22 23.15
N GLN C 142 -11.47 -40.75 24.20
CA GLN C 142 -10.24 -41.52 24.13
C GLN C 142 -10.35 -42.78 24.98
N ALA C 143 -11.45 -43.53 24.78
CA ALA C 143 -11.69 -44.73 25.58
C ALA C 143 -10.47 -45.64 25.63
N THR C 144 -9.63 -45.62 24.60
CA THR C 144 -8.40 -46.40 24.59
C THR C 144 -7.37 -45.71 25.49
N SER C 145 -7.62 -45.80 26.81
CA SER C 145 -6.81 -45.06 27.77
C SER C 145 -5.37 -45.54 27.76
N SER C 146 -5.14 -46.85 27.71
CA SER C 146 -3.81 -47.43 27.82
C SER C 146 -3.53 -48.33 26.63
N VAL C 147 -2.32 -48.20 26.08
CA VAL C 147 -1.87 -49.05 24.98
C VAL C 147 -0.38 -49.32 25.18
N PRO C 148 0.01 -50.44 25.80
CA PRO C 148 1.44 -50.69 26.01
C PRO C 148 2.18 -50.79 24.69
N VAL C 149 3.40 -50.24 24.68
CA VAL C 149 4.23 -50.21 23.48
C VAL C 149 5.69 -50.47 23.89
N THR C 150 6.49 -50.85 22.92
CA THR C 150 7.90 -51.10 23.08
C THR C 150 8.68 -50.42 21.96
N PRO C 151 9.97 -50.16 22.16
CA PRO C 151 10.75 -49.50 21.11
C PRO C 151 10.72 -50.31 19.82
N GLY C 152 10.65 -49.60 18.70
CA GLY C 152 10.60 -50.24 17.39
C GLY C 152 9.23 -50.71 16.96
N GLU C 153 8.20 -50.52 17.79
CA GLU C 153 6.85 -50.95 17.48
C GLU C 153 6.03 -49.77 16.98
N SER C 154 5.01 -50.07 16.18
CA SER C 154 4.12 -49.08 15.63
C SER C 154 2.80 -49.10 16.40
N VAL C 155 2.38 -47.92 16.88
CA VAL C 155 1.16 -47.79 17.66
C VAL C 155 0.32 -46.68 17.06
N SER C 156 -1.00 -46.83 17.18
CA SER C 156 -1.96 -45.86 16.67
C SER C 156 -2.89 -45.43 17.79
N ILE C 157 -3.08 -44.11 17.91
CA ILE C 157 -3.96 -43.53 18.92
C ILE C 157 -5.19 -42.98 18.20
N SER C 158 -6.37 -43.38 18.66
CA SER C 158 -7.63 -43.01 18.03
C SER C 158 -8.32 -41.92 18.83
N CYS C 159 -8.78 -40.87 18.14
CA CYS C 159 -9.53 -39.79 18.74
C CYS C 159 -10.84 -39.61 17.98
N ARG C 160 -11.92 -39.36 18.71
CA ARG C 160 -13.23 -39.16 18.12
C ARG C 160 -13.86 -37.91 18.70
N SER C 161 -14.68 -37.24 17.90
CA SER C 161 -15.33 -36.00 18.28
C SER C 161 -16.83 -36.12 18.01
N SER C 162 -17.62 -35.40 18.83
CA SER C 162 -19.06 -35.39 18.67
C SER C 162 -19.52 -34.47 17.55
N LYS C 163 -18.64 -33.61 17.03
CA LYS C 163 -18.98 -32.71 15.95
C LYS C 163 -17.89 -32.77 14.89
N SER C 164 -18.28 -32.56 13.63
CA SER C 164 -17.33 -32.61 12.53
C SER C 164 -16.41 -31.40 12.60
N LEU C 165 -15.11 -31.66 12.67
CA LEU C 165 -14.11 -30.59 12.75
C LEU C 165 -13.68 -30.09 11.38
N LEU C 166 -14.16 -30.68 10.30
CA LEU C 166 -13.82 -30.25 8.95
C LEU C 166 -14.61 -28.99 8.64
N HIS C 167 -13.97 -27.83 8.76
CA HIS C 167 -14.62 -26.56 8.50
C HIS C 167 -14.90 -26.39 7.01
N SER C 168 -15.76 -25.43 6.69
CA SER C 168 -16.12 -25.16 5.31
C SER C 168 -14.89 -24.80 4.47
N ASN C 169 -13.86 -24.24 5.09
CA ASN C 169 -12.65 -23.87 4.38
C ASN C 169 -11.74 -25.07 4.12
N GLY C 170 -12.07 -26.25 4.65
CA GLY C 170 -11.28 -27.44 4.44
C GLY C 170 -10.25 -27.73 5.52
N ASN C 171 -10.10 -26.85 6.49
CA ASN C 171 -9.14 -27.05 7.57
C ASN C 171 -9.80 -27.83 8.69
N THR C 172 -9.19 -28.96 9.07
CA THR C 172 -9.66 -29.77 10.19
C THR C 172 -8.93 -29.31 11.44
N TYR C 173 -9.59 -28.49 12.25
CA TYR C 173 -8.97 -27.87 13.41
C TYR C 173 -8.83 -28.90 14.51
N LEU C 174 -7.74 -29.65 14.47
CA LEU C 174 -7.40 -30.63 15.49
C LEU C 174 -5.93 -30.49 15.86
N TYR C 175 -5.63 -30.74 17.13
CA TYR C 175 -4.28 -30.61 17.65
C TYR C 175 -3.93 -31.84 18.48
N TRP C 176 -2.68 -32.27 18.39
CA TRP C 176 -2.15 -33.38 19.18
C TRP C 176 -1.05 -32.86 20.09
N PHE C 177 -1.14 -33.20 21.38
CA PHE C 177 -0.17 -32.77 22.37
C PHE C 177 0.38 -33.97 23.11
N LEU C 178 1.69 -34.04 23.24
CA LEU C 178 2.37 -35.12 23.96
C LEU C 178 3.01 -34.56 25.22
N GLN C 179 2.68 -35.18 26.36
CA GLN C 179 3.18 -34.75 27.67
C GLN C 179 4.03 -35.87 28.25
N ARG C 180 5.32 -35.62 28.41
CA ARG C 180 6.22 -36.59 29.00
C ARG C 180 6.07 -36.59 30.53
N PRO C 181 6.47 -37.67 31.19
CA PRO C 181 6.40 -37.70 32.66
C PRO C 181 7.20 -36.56 33.28
N GLY C 182 6.53 -35.73 34.08
CA GLY C 182 7.18 -34.62 34.73
C GLY C 182 7.57 -33.49 33.79
N GLN C 183 6.93 -33.41 32.63
CA GLN C 183 7.22 -32.36 31.66
C GLN C 183 5.90 -31.83 31.10
N SER C 184 5.92 -30.56 30.68
CA SER C 184 4.72 -29.94 30.14
C SER C 184 4.41 -30.51 28.75
N PRO C 185 3.15 -30.43 28.33
CA PRO C 185 2.80 -30.93 26.99
C PRO C 185 3.49 -30.13 25.90
N GLN C 186 3.76 -30.79 24.78
CA GLN C 186 4.36 -30.16 23.61
C GLN C 186 3.51 -30.46 22.39
N LEU C 187 3.36 -29.46 21.53
CA LEU C 187 2.57 -29.65 20.32
C LEU C 187 3.18 -30.74 19.45
N LEU C 188 2.34 -31.67 19.00
CA LEU C 188 2.78 -32.79 18.17
C LEU C 188 2.32 -32.61 16.72
N ILE C 189 1.03 -32.44 16.49
CA ILE C 189 0.48 -32.20 15.17
C ILE C 189 -0.63 -31.17 15.29
N TYR C 190 -0.66 -30.22 14.37
CA TYR C 190 -1.70 -29.19 14.33
C TYR C 190 -2.43 -29.26 13.00
N ARG C 191 -3.76 -29.13 13.07
CA ARG C 191 -4.64 -29.25 11.92
C ARG C 191 -4.65 -30.66 11.34
N MET C 192 -4.20 -31.65 12.10
CA MET C 192 -4.37 -33.06 11.78
C MET C 192 -3.43 -33.48 10.64
N SER C 193 -2.74 -32.53 10.01
CA SER C 193 -1.91 -32.81 8.86
C SER C 193 -0.51 -32.21 8.92
N ASN C 194 -0.27 -31.19 9.73
CA ASN C 194 1.01 -30.49 9.77
C ASN C 194 1.72 -30.80 11.08
N LEU C 195 3.00 -31.17 10.99
CA LEU C 195 3.81 -31.44 12.16
C LEU C 195 4.49 -30.16 12.63
N ALA C 196 4.48 -29.94 13.94
CA ALA C 196 5.09 -28.75 14.51
C ALA C 196 6.61 -28.82 14.40
N SER C 197 7.25 -27.66 14.46
CA SER C 197 8.69 -27.59 14.33
C SER C 197 9.37 -28.39 15.44
N GLY C 198 10.38 -29.17 15.07
CA GLY C 198 11.12 -29.98 16.00
C GLY C 198 10.53 -31.35 16.27
N VAL C 199 9.34 -31.63 15.75
CA VAL C 199 8.71 -32.95 15.95
C VAL C 199 9.30 -33.92 14.94
N PRO C 200 9.82 -35.07 15.38
CA PRO C 200 10.31 -36.05 14.40
C PRO C 200 9.21 -36.53 13.48
N ASP C 201 9.61 -36.90 12.26
CA ASP C 201 8.66 -37.35 11.24
C ASP C 201 7.99 -38.67 11.60
N ARG C 202 8.31 -39.26 12.76
CA ARG C 202 7.67 -40.52 13.14
C ARG C 202 6.16 -40.36 13.26
N PHE C 203 5.71 -39.27 13.88
CA PHE C 203 4.29 -39.06 14.09
C PHE C 203 3.61 -38.61 12.80
N SER C 204 2.40 -39.13 12.58
CA SER C 204 1.61 -38.77 11.42
C SER C 204 0.15 -38.61 11.85
N GLY C 205 -0.58 -37.76 11.13
CA GLY C 205 -1.96 -37.49 11.46
C GLY C 205 -2.89 -37.59 10.26
N SER C 206 -4.01 -38.29 10.44
CA SER C 206 -5.00 -38.43 9.39
C SER C 206 -6.32 -38.83 10.01
N GLY C 207 -7.39 -38.64 9.25
CA GLY C 207 -8.71 -39.01 9.72
C GLY C 207 -9.78 -38.42 8.84
N SER C 208 -11.02 -38.82 9.12
CA SER C 208 -12.18 -38.35 8.39
C SER C 208 -12.71 -37.09 9.06
N GLY C 209 -13.92 -36.66 8.67
CA GLY C 209 -14.50 -35.47 9.26
C GLY C 209 -14.69 -35.61 10.76
N THR C 210 -15.16 -36.77 11.20
CA THR C 210 -15.38 -37.04 12.62
C THR C 210 -14.46 -38.12 13.19
N ALA C 211 -13.84 -38.94 12.36
CA ALA C 211 -12.94 -39.99 12.79
C ALA C 211 -11.50 -39.49 12.70
N PHE C 212 -10.75 -39.62 13.78
CA PHE C 212 -9.39 -39.12 13.86
C PHE C 212 -8.49 -40.19 14.46
N THR C 213 -7.24 -40.21 14.01
CA THR C 213 -6.26 -41.18 14.49
C THR C 213 -4.86 -40.60 14.35
N LEU C 214 -4.00 -40.96 15.30
CA LEU C 214 -2.60 -40.55 15.31
C LEU C 214 -1.74 -41.78 15.10
N THR C 215 -0.86 -41.74 14.11
CA THR C 215 0.00 -42.85 13.76
C THR C 215 1.43 -42.54 14.17
N ILE C 216 2.06 -43.49 14.87
CA ILE C 216 3.45 -43.37 15.31
C ILE C 216 4.23 -44.53 14.69
N SER C 217 5.31 -44.19 13.98
CA SER C 217 6.14 -45.18 13.32
C SER C 217 7.51 -45.25 13.99
N ARG C 218 8.05 -46.46 14.06
CA ARG C 218 9.33 -46.71 14.70
C ARG C 218 9.41 -46.01 16.05
N LEU C 219 8.47 -46.36 16.92
CA LEU C 219 8.42 -45.75 18.25
C LEU C 219 9.71 -46.01 19.00
N GLU C 220 10.17 -45.00 19.74
CA GLU C 220 11.41 -45.07 20.49
C GLU C 220 11.16 -44.58 21.92
N ALA C 221 12.23 -44.52 22.71
CA ALA C 221 12.09 -44.35 24.15
C ALA C 221 11.43 -43.01 24.49
N GLU C 222 11.93 -41.91 23.91
CA GLU C 222 11.43 -40.59 24.27
C GLU C 222 9.97 -40.37 23.88
N ASP C 223 9.40 -41.23 23.03
CA ASP C 223 8.00 -41.10 22.68
C ASP C 223 7.06 -41.42 23.83
N VAL C 224 7.56 -41.98 24.93
CA VAL C 224 6.71 -42.29 26.06
C VAL C 224 6.09 -41.01 26.61
N GLY C 225 4.80 -41.08 26.93
CA GLY C 225 4.10 -39.94 27.44
C GLY C 225 2.60 -40.11 27.27
N VAL C 226 1.89 -39.00 27.50
CA VAL C 226 0.43 -38.95 27.38
C VAL C 226 0.08 -38.09 26.18
N TYR C 227 -0.73 -38.63 25.28
CA TYR C 227 -1.15 -37.93 24.08
C TYR C 227 -2.57 -37.40 24.27
N TYR C 228 -2.75 -36.11 24.02
CA TYR C 228 -4.03 -35.44 24.20
C TYR C 228 -4.57 -34.97 22.86
N CYS C 229 -5.86 -35.20 22.63
CA CYS C 229 -6.54 -34.78 21.41
C CYS C 229 -7.36 -33.53 21.73
N MET C 230 -7.10 -32.46 20.99
CA MET C 230 -7.73 -31.16 21.23
C MET C 230 -8.41 -30.67 19.95
N GLN C 231 -9.51 -29.97 20.14
CA GLN C 231 -10.29 -29.38 19.06
C GLN C 231 -10.25 -27.86 19.15
N HIS C 232 -10.17 -27.20 18.00
CA HIS C 232 -10.09 -25.75 17.95
C HIS C 232 -11.10 -25.17 16.97
N LEU C 233 -12.21 -25.88 16.73
CA LEU C 233 -13.21 -25.37 15.79
C LEU C 233 -13.92 -24.14 16.35
N GLU C 234 -14.36 -24.20 17.60
CA GLU C 234 -14.91 -23.03 18.28
C GLU C 234 -14.64 -23.17 19.77
N TYR C 235 -14.54 -22.03 20.46
CA TYR C 235 -14.36 -22.04 21.89
C TYR C 235 -15.65 -22.47 22.58
N PRO C 236 -15.55 -23.02 23.80
CA PRO C 236 -14.32 -23.27 24.56
C PRO C 236 -13.55 -24.48 24.05
N LEU C 237 -12.22 -24.42 24.15
CA LEU C 237 -11.39 -25.54 23.73
C LEU C 237 -11.53 -26.69 24.71
N THR C 238 -11.46 -27.92 24.18
CA THR C 238 -11.59 -29.12 24.98
C THR C 238 -10.48 -30.09 24.63
N PHE C 239 -10.03 -30.86 25.62
CA PHE C 239 -8.98 -31.84 25.47
C PHE C 239 -9.51 -33.23 25.76
N GLY C 240 -8.85 -34.23 25.19
CA GLY C 240 -9.23 -35.61 25.40
C GLY C 240 -8.82 -36.12 26.75
N ALA C 241 -9.25 -37.36 27.05
CA ALA C 241 -8.92 -37.97 28.32
C ALA C 241 -7.42 -38.15 28.48
N GLY C 242 -6.74 -38.56 27.42
CA GLY C 242 -5.30 -38.77 27.46
C GLY C 242 -4.92 -40.24 27.39
N THR C 243 -4.18 -40.62 26.36
CA THR C 243 -3.74 -41.99 26.17
C THR C 243 -2.33 -42.14 26.72
N LYS C 244 -2.15 -43.04 27.69
CA LYS C 244 -0.88 -43.23 28.36
C LYS C 244 -0.16 -44.41 27.71
N LEU C 245 1.07 -44.17 27.24
CA LEU C 245 1.90 -45.20 26.63
C LEU C 245 3.05 -45.53 27.57
N GLU C 246 3.29 -46.82 27.79
CA GLU C 246 4.36 -47.26 28.67
C GLU C 246 5.11 -48.44 28.05
N ARG D 13 36.78 -6.47 -24.02
CA ARG D 13 37.70 -7.50 -24.58
C ARG D 13 37.06 -8.88 -24.52
N LYS D 14 36.46 -9.21 -23.38
CA LYS D 14 35.79 -10.49 -23.21
C LYS D 14 34.55 -10.63 -24.08
N LEU D 15 34.04 -9.53 -24.62
CA LEU D 15 32.81 -9.58 -25.40
C LEU D 15 32.97 -10.45 -26.63
N VAL D 16 34.13 -10.36 -27.30
CA VAL D 16 34.34 -11.16 -28.50
C VAL D 16 34.31 -12.65 -28.18
N GLU D 17 35.00 -13.05 -27.10
CA GLU D 17 34.99 -14.46 -26.71
C GLU D 17 33.59 -14.91 -26.30
N GLN D 18 32.86 -14.06 -25.59
CA GLN D 18 31.50 -14.41 -25.20
C GLN D 18 30.62 -14.62 -26.42
N LEU D 19 30.73 -13.72 -27.41
CA LEU D 19 29.94 -13.86 -28.62
C LEU D 19 30.33 -15.12 -29.41
N LYS D 20 31.63 -15.41 -29.47
CA LYS D 20 32.08 -16.62 -30.14
C LYS D 20 31.50 -17.86 -29.47
N MET D 21 31.53 -17.91 -28.13
CA MET D 21 30.96 -19.05 -27.42
C MET D 21 29.46 -19.15 -27.66
N GLU D 22 28.77 -18.01 -27.67
CA GLU D 22 27.33 -18.01 -27.90
C GLU D 22 27.00 -18.50 -29.30
N ALA D 23 27.84 -18.17 -30.28
CA ALA D 23 27.54 -18.53 -31.67
C ALA D 23 27.68 -20.02 -31.93
N ASN D 24 28.35 -20.76 -31.06
CA ASN D 24 28.61 -22.17 -31.27
C ASN D 24 27.51 -23.07 -30.71
N ILE D 25 26.36 -22.50 -30.33
CA ILE D 25 25.26 -23.29 -29.76
C ILE D 25 24.53 -24.01 -30.88
N ASP D 26 23.71 -24.99 -30.52
CA ASP D 26 22.88 -25.68 -31.49
C ASP D 26 21.77 -24.75 -31.98
N ARG D 27 21.32 -24.99 -33.21
CA ARG D 27 20.29 -24.18 -33.83
C ARG D 27 19.13 -25.07 -34.27
N ILE D 28 17.92 -24.52 -34.18
CA ILE D 28 16.69 -25.26 -34.44
C ILE D 28 15.81 -24.49 -35.41
N LYS D 29 14.91 -25.20 -36.07
CA LYS D 29 13.96 -24.57 -36.97
C LYS D 29 12.78 -24.01 -36.19
N VAL D 30 12.23 -22.90 -36.69
CA VAL D 30 11.13 -22.25 -36.02
C VAL D 30 9.87 -23.12 -36.07
N SER D 31 9.68 -23.87 -37.16
CA SER D 31 8.44 -24.61 -37.35
C SER D 31 8.21 -25.60 -36.21
N LYS D 32 9.23 -26.41 -35.90
CA LYS D 32 9.05 -27.44 -34.89
C LYS D 32 8.88 -26.84 -33.49
N ALA D 33 9.61 -25.77 -33.19
CA ALA D 33 9.45 -25.12 -31.90
C ALA D 33 8.05 -24.54 -31.75
N ALA D 34 7.54 -23.90 -32.80
CA ALA D 34 6.18 -23.35 -32.76
C ALA D 34 5.16 -24.48 -32.61
N ALA D 35 5.36 -25.59 -33.32
CA ALA D 35 4.45 -26.72 -33.18
C ALA D 35 4.45 -27.26 -31.77
N ASP D 36 5.63 -27.38 -31.16
CA ASP D 36 5.70 -27.85 -29.77
C ASP D 36 5.01 -26.88 -28.82
N LEU D 37 5.21 -25.58 -29.03
CA LEU D 37 4.55 -24.58 -28.18
C LEU D 37 3.03 -24.68 -28.32
N MET D 38 2.54 -24.83 -29.54
CA MET D 38 1.10 -24.96 -29.75
C MET D 38 0.57 -26.24 -29.10
N ALA D 39 1.31 -27.34 -29.22
CA ALA D 39 0.89 -28.58 -28.59
C ALA D 39 0.81 -28.42 -27.08
N TYR D 40 1.82 -27.79 -26.47
CA TYR D 40 1.79 -27.55 -25.04
C TYR D 40 0.60 -26.68 -24.65
N CYS D 41 0.35 -25.62 -25.42
CA CYS D 41 -0.77 -24.73 -25.12
C CYS D 41 -2.09 -25.48 -25.15
N GLU D 42 -2.32 -26.25 -26.22
CA GLU D 42 -3.59 -26.97 -26.32
C GLU D 42 -3.72 -28.04 -25.25
N ALA D 43 -2.61 -28.71 -24.91
CA ALA D 43 -2.65 -29.74 -23.88
C ALA D 43 -2.99 -29.15 -22.52
N HIS D 44 -2.40 -28.00 -22.18
CA HIS D 44 -2.57 -27.42 -20.86
C HIS D 44 -3.74 -26.44 -20.78
N ALA D 45 -4.42 -26.16 -21.90
CA ALA D 45 -5.57 -25.26 -21.84
C ALA D 45 -6.64 -25.80 -20.90
N LYS D 46 -6.88 -27.11 -20.92
CA LYS D 46 -7.89 -27.68 -20.03
C LYS D 46 -7.55 -27.45 -18.57
N GLU D 47 -6.26 -27.31 -18.25
CA GLU D 47 -5.81 -27.09 -16.88
C GLU D 47 -5.52 -25.61 -16.60
N ASP D 48 -6.07 -24.70 -17.39
CA ASP D 48 -5.84 -23.27 -17.21
C ASP D 48 -7.13 -22.59 -16.77
N PRO D 49 -7.32 -22.32 -15.48
CA PRO D 49 -8.56 -21.65 -15.05
C PRO D 49 -8.77 -20.29 -15.71
N LEU D 50 -7.69 -19.55 -15.98
CA LEU D 50 -7.85 -18.24 -16.62
C LEU D 50 -8.46 -18.37 -18.01
N LEU D 51 -7.97 -19.33 -18.80
CA LEU D 51 -8.52 -19.52 -20.14
C LEU D 51 -9.96 -19.98 -20.09
N THR D 52 -10.27 -20.95 -19.22
CA THR D 52 -11.62 -21.46 -19.06
C THR D 52 -12.16 -21.04 -17.70
N PRO D 53 -13.11 -20.11 -17.62
CA PRO D 53 -13.61 -19.67 -16.31
C PRO D 53 -14.04 -20.84 -15.43
N VAL D 54 -13.33 -21.04 -14.32
CA VAL D 54 -13.65 -22.14 -13.41
C VAL D 54 -14.98 -21.88 -12.74
N PRO D 55 -15.80 -22.89 -12.48
CA PRO D 55 -17.07 -22.65 -11.78
C PRO D 55 -16.83 -22.06 -10.40
N ALA D 56 -17.79 -21.24 -9.95
CA ALA D 56 -17.66 -20.60 -8.65
C ALA D 56 -17.56 -21.62 -7.53
N SER D 57 -18.08 -22.83 -7.75
CA SER D 57 -17.99 -23.87 -6.72
C SER D 57 -16.54 -24.24 -6.43
N GLU D 58 -15.72 -24.38 -7.48
CA GLU D 58 -14.32 -24.73 -7.33
C GLU D 58 -13.41 -23.52 -7.23
N ASN D 59 -13.92 -22.31 -7.44
CA ASN D 59 -13.10 -21.12 -7.40
C ASN D 59 -12.87 -20.70 -5.95
N PRO D 60 -11.62 -20.64 -5.47
CA PRO D 60 -11.40 -20.15 -4.10
C PRO D 60 -11.64 -18.66 -3.94
N PHE D 61 -11.66 -17.91 -5.04
CA PHE D 61 -11.92 -16.47 -4.99
C PHE D 61 -13.34 -16.19 -5.46
N ARG D 62 -14.10 -15.48 -4.64
CA ARG D 62 -15.49 -15.16 -4.97
C ARG D 62 -15.82 -13.73 -4.56
N THR E 159 -49.07 30.61 -17.75
CA THR E 159 -47.76 30.67 -18.46
C THR E 159 -46.63 30.95 -17.47
N GLU E 160 -46.79 32.02 -16.69
CA GLU E 160 -45.76 32.37 -15.71
C GLU E 160 -45.59 31.26 -14.68
N LYS E 161 -46.70 30.70 -14.20
CA LYS E 161 -46.61 29.63 -13.21
C LYS E 161 -45.84 28.44 -13.76
N MET E 162 -46.13 28.04 -15.01
CA MET E 162 -45.43 26.91 -15.60
C MET E 162 -43.94 27.21 -15.77
N LEU E 163 -43.60 28.42 -16.23
CA LEU E 163 -42.20 28.77 -16.38
C LEU E 163 -41.46 28.71 -15.05
N ILE E 164 -42.08 29.25 -14.00
CA ILE E 164 -41.49 29.17 -12.67
C ILE E 164 -41.32 27.72 -12.25
N CYS E 165 -42.33 26.89 -12.56
CA CYS E 165 -42.27 25.48 -12.20
C CYS E 165 -41.07 24.80 -12.85
N MET E 166 -40.92 24.94 -14.17
CA MET E 166 -39.79 24.30 -14.83
C MET E 166 -38.46 24.85 -14.31
N THR E 167 -38.36 26.17 -14.13
CA THR E 167 -37.10 26.74 -13.66
C THR E 167 -36.72 26.19 -12.30
N LEU E 168 -37.64 26.21 -11.34
CA LEU E 168 -37.36 25.69 -10.01
C LEU E 168 -37.07 24.20 -10.01
N VAL E 169 -37.81 23.43 -10.82
CA VAL E 169 -37.59 21.99 -10.88
C VAL E 169 -36.20 21.69 -11.42
N VAL E 170 -35.80 22.36 -12.51
CA VAL E 170 -34.49 22.12 -13.07
C VAL E 170 -33.40 22.55 -12.09
N ILE E 171 -33.64 23.66 -11.38
CA ILE E 171 -32.64 24.12 -10.40
C ILE E 171 -32.44 23.07 -9.32
N THR E 172 -33.54 22.58 -8.73
CA THR E 172 -33.41 21.61 -7.64
C THR E 172 -32.83 20.29 -8.14
N THR E 173 -33.24 19.84 -9.33
CA THR E 173 -32.69 18.60 -9.86
C THR E 173 -31.20 18.73 -10.12
N LEU E 174 -30.76 19.84 -10.70
CA LEU E 174 -29.33 20.04 -10.91
C LEU E 174 -28.60 20.06 -9.58
N THR E 175 -29.18 20.73 -8.58
CA THR E 175 -28.55 20.77 -7.26
C THR E 175 -28.34 19.37 -6.70
N THR E 176 -29.41 18.55 -6.71
CA THR E 176 -29.31 17.23 -6.09
C THR E 176 -28.40 16.31 -6.89
N LEU E 177 -28.46 16.36 -8.22
CA LEU E 177 -27.54 15.55 -9.02
C LEU E 177 -26.08 15.96 -8.78
N LEU E 178 -25.81 17.25 -8.71
CA LEU E 178 -24.43 17.69 -8.45
C LEU E 178 -23.96 17.25 -7.08
N ASN E 179 -24.82 17.36 -6.07
CA ASN E 179 -24.44 16.91 -4.73
C ASN E 179 -24.17 15.41 -4.72
N LEU E 180 -25.02 14.63 -5.38
CA LEU E 180 -24.81 13.19 -5.43
C LEU E 180 -23.50 12.85 -6.14
N ALA E 181 -23.22 13.54 -7.24
CA ALA E 181 -21.97 13.32 -7.96
C ALA E 181 -20.78 13.65 -7.07
N VAL E 182 -20.86 14.76 -6.34
CA VAL E 182 -19.75 15.17 -5.48
C VAL E 182 -19.51 14.10 -4.40
N ILE E 183 -20.58 13.64 -3.75
CA ILE E 183 -20.40 12.67 -2.68
C ILE E 183 -19.83 11.36 -3.22
N MET E 184 -20.35 10.88 -4.36
CA MET E 184 -19.84 9.63 -4.89
C MET E 184 -18.39 9.76 -5.32
N ALA E 185 -18.02 10.90 -5.93
CA ALA E 185 -16.64 11.12 -6.32
C ALA E 185 -15.72 11.14 -5.10
N ILE E 186 -16.15 11.81 -4.04
CA ILE E 186 -15.33 11.88 -2.83
C ILE E 186 -15.16 10.50 -2.22
N GLY E 187 -16.26 9.74 -2.13
CA GLY E 187 -16.18 8.42 -1.52
C GLY E 187 -15.34 7.45 -2.33
N THR E 188 -15.54 7.42 -3.66
CA THR E 188 -14.86 6.43 -4.48
C THR E 188 -13.36 6.67 -4.52
N THR E 189 -12.93 7.92 -4.71
CA THR E 189 -11.53 8.23 -4.87
C THR E 189 -10.83 8.28 -3.52
N LYS E 190 -9.74 7.52 -3.38
CA LYS E 190 -8.99 7.52 -2.13
C LYS E 190 -8.22 8.83 -1.94
N LYS E 191 -7.78 9.45 -3.03
CA LYS E 191 -7.04 10.70 -2.92
C LYS E 191 -7.87 11.81 -2.28
N LEU E 192 -9.19 11.70 -2.33
CA LEU E 192 -10.08 12.71 -1.76
C LEU E 192 -10.44 12.43 -0.30
N HIS E 193 -9.67 11.58 0.38
CA HIS E 193 -9.92 11.25 1.78
C HIS E 193 -8.99 12.09 2.65
N GLN E 194 -9.38 13.34 2.83
CA GLN E 194 -8.63 14.29 3.66
C GLN E 194 -9.61 15.06 4.53
N PRO E 195 -9.14 15.61 5.66
CA PRO E 195 -10.07 16.36 6.52
C PRO E 195 -10.78 17.50 5.81
N ALA E 196 -10.07 18.23 4.95
CA ALA E 196 -10.72 19.27 4.16
C ALA E 196 -11.74 18.66 3.21
N ASN E 197 -11.38 17.55 2.56
CA ASN E 197 -12.33 16.85 1.71
C ASN E 197 -13.48 16.28 2.53
N TYR E 198 -13.23 15.86 3.77
CA TYR E 198 -14.32 15.41 4.64
C TYR E 198 -15.29 16.55 4.93
N LEU E 199 -14.77 17.75 5.21
CA LEU E 199 -15.65 18.90 5.42
C LEU E 199 -16.43 19.23 4.16
N ILE E 200 -15.77 19.15 3.00
CA ILE E 200 -16.47 19.41 1.74
C ILE E 200 -17.59 18.39 1.53
N CYS E 201 -17.31 17.12 1.84
CA CYS E 201 -18.33 16.08 1.71
C CYS E 201 -19.49 16.33 2.67
N SER E 202 -19.19 16.78 3.90
CA SER E 202 -20.26 17.08 4.85
C SER E 202 -21.12 18.23 4.33
N LEU E 203 -20.49 19.26 3.77
CA LEU E 203 -21.27 20.34 3.16
C LEU E 203 -22.11 19.84 2.01
N ALA E 204 -21.55 18.95 1.18
CA ALA E 204 -22.29 18.41 0.05
C ALA E 204 -23.51 17.61 0.50
N VAL E 205 -23.34 16.79 1.54
CA VAL E 205 -24.48 16.01 2.03
C VAL E 205 -25.51 16.91 2.67
N THR E 206 -25.08 17.98 3.34
CA THR E 206 -26.04 18.95 3.88
C THR E 206 -26.83 19.59 2.75
N ASP E 207 -26.15 19.96 1.66
CA ASP E 207 -26.83 20.53 0.51
C ASP E 207 -27.82 19.53 -0.09
N LEU E 208 -27.41 18.26 -0.18
CA LEU E 208 -28.30 17.22 -0.70
C LEU E 208 -29.53 17.07 0.19
N LEU E 209 -29.34 17.10 1.50
CA LEU E 209 -30.46 16.97 2.43
C LEU E 209 -31.42 18.12 2.28
N VAL E 210 -30.91 19.36 2.21
CA VAL E 210 -31.80 20.49 2.06
C VAL E 210 -32.49 20.47 0.70
N ALA E 211 -31.83 19.91 -0.32
CA ALA E 211 -32.43 19.84 -1.65
C ALA E 211 -33.49 18.75 -1.76
N VAL E 212 -33.36 17.67 -1.00
CA VAL E 212 -34.29 16.54 -1.10
C VAL E 212 -35.34 16.52 0.00
N LEU E 213 -35.22 17.39 1.01
CA LEU E 213 -36.24 17.51 2.05
C LEU E 213 -37.02 18.81 1.98
N VAL E 214 -36.41 19.89 1.49
CA VAL E 214 -37.02 21.21 1.49
C VAL E 214 -37.52 21.61 0.11
N MET E 215 -36.67 21.48 -0.91
CA MET E 215 -37.05 21.97 -2.24
C MET E 215 -38.35 21.37 -2.75
N PRO E 216 -38.59 20.05 -2.67
CA PRO E 216 -39.89 19.55 -3.14
C PRO E 216 -41.07 20.28 -2.51
N LEU E 217 -41.10 20.35 -1.18
CA LEU E 217 -42.14 21.11 -0.50
C LEU E 217 -42.07 22.59 -0.86
N SER E 218 -40.87 23.10 -1.14
CA SER E 218 -40.74 24.50 -1.52
C SER E 218 -41.52 24.81 -2.80
N ILE E 219 -41.29 24.03 -3.85
CA ILE E 219 -42.04 24.23 -5.09
C ILE E 219 -43.51 23.91 -4.88
N ILE E 220 -43.82 22.92 -4.05
CA ILE E 220 -45.22 22.59 -3.79
C ILE E 220 -45.95 23.80 -3.21
N TYR E 221 -45.32 24.48 -2.26
CA TYR E 221 -45.94 25.66 -1.66
C TYR E 221 -45.94 26.84 -2.63
N ILE E 222 -44.86 27.00 -3.41
CA ILE E 222 -44.75 28.16 -4.29
C ILE E 222 -45.80 28.12 -5.39
N VAL E 223 -45.96 26.95 -6.04
CA VAL E 223 -46.88 26.85 -7.16
C VAL E 223 -48.31 27.10 -6.70
N MET E 224 -48.69 26.53 -5.55
CA MET E 224 -50.02 26.68 -5.00
C MET E 224 -49.88 27.22 -3.58
N ASP E 225 -50.38 28.45 -3.38
CA ASP E 225 -50.10 29.17 -2.13
C ASP E 225 -50.70 28.47 -0.92
N ARG E 226 -51.93 27.97 -1.04
CA ARG E 226 -52.64 27.44 0.11
C ARG E 226 -52.07 26.10 0.54
N TRP E 227 -51.01 26.13 1.34
CA TRP E 227 -50.34 24.91 1.79
C TRP E 227 -51.09 24.33 2.97
N LYS E 228 -51.52 23.08 2.85
CA LYS E 228 -52.24 22.39 3.91
C LYS E 228 -51.77 20.94 4.06
N LEU E 229 -50.49 20.69 3.79
CA LEU E 229 -49.97 19.32 3.87
C LEU E 229 -50.08 18.77 5.28
N GLY E 230 -50.09 19.64 6.29
CA GLY E 230 -50.19 19.20 7.67
C GLY E 230 -50.04 20.32 8.66
N TYR E 231 -50.89 20.33 9.70
CA TYR E 231 -50.80 21.37 10.71
C TYR E 231 -49.47 21.33 11.45
N PHE E 232 -49.05 20.13 11.86
CA PHE E 232 -47.76 19.98 12.53
C PHE E 232 -46.60 19.85 11.53
N LEU E 233 -46.88 19.38 10.31
CA LEU E 233 -45.81 19.20 9.33
C LEU E 233 -45.17 20.53 8.95
N CYS E 234 -45.93 21.63 9.02
CA CYS E 234 -45.35 22.93 8.69
C CYS E 234 -44.24 23.31 9.65
N GLU E 235 -44.45 23.07 10.94
CA GLU E 235 -43.42 23.37 11.93
C GLU E 235 -42.17 22.54 11.69
N VAL E 236 -42.34 21.25 11.39
CA VAL E 236 -41.20 20.39 11.12
C VAL E 236 -40.45 20.87 9.87
N TRP E 237 -41.19 21.25 8.83
CA TRP E 237 -40.56 21.73 7.61
C TRP E 237 -39.76 23.00 7.87
N LEU E 238 -40.35 23.94 8.61
CA LEU E 238 -39.63 25.18 8.92
C LEU E 238 -38.38 24.89 9.75
N SER E 239 -38.51 24.03 10.76
CA SER E 239 -37.36 23.72 11.61
C SER E 239 -36.24 23.06 10.80
N VAL E 240 -36.59 22.09 9.95
CA VAL E 240 -35.54 21.40 9.19
C VAL E 240 -34.91 22.34 8.17
N ASP E 241 -35.71 23.21 7.55
CA ASP E 241 -35.16 24.17 6.59
C ASP E 241 -34.17 25.10 7.29
N MET E 242 -34.57 25.66 8.43
CA MET E 242 -33.67 26.54 9.17
C MET E 242 -32.41 25.79 9.60
N THR E 243 -32.57 24.57 10.10
CA THR E 243 -31.42 23.81 10.56
C THR E 243 -30.45 23.54 9.41
N CYS E 244 -30.98 23.14 8.25
CA CYS E 244 -30.12 22.82 7.12
C CYS E 244 -29.42 24.07 6.59
N CYS E 245 -30.14 25.20 6.50
CA CYS E 245 -29.52 26.43 6.01
C CYS E 245 -28.42 26.90 6.95
N THR E 246 -28.69 26.90 8.26
CA THR E 246 -27.67 27.31 9.21
C THR E 246 -26.49 26.35 9.18
N CYS E 247 -26.76 25.05 9.03
CA CYS E 247 -25.69 24.06 8.95
C CYS E 247 -24.81 24.30 7.73
N SER E 248 -25.42 24.61 6.58
CA SER E 248 -24.64 24.89 5.39
C SER E 248 -23.79 26.15 5.56
N ILE E 249 -24.38 27.20 6.14
CA ILE E 249 -23.62 28.43 6.36
C ILE E 249 -22.44 28.17 7.28
N TRP E 250 -22.67 27.43 8.37
CA TRP E 250 -21.58 27.15 9.29
C TRP E 250 -20.56 26.18 8.69
N HIS E 251 -20.99 25.31 7.77
CA HIS E 251 -20.03 24.48 7.06
C HIS E 251 -19.13 25.34 6.18
N LEU E 252 -19.70 26.34 5.50
CA LEU E 252 -18.86 27.28 4.77
C LEU E 252 -17.90 27.99 5.71
N CYS E 253 -18.38 28.42 6.86
CA CYS E 253 -17.53 29.12 7.82
C CYS E 253 -16.38 28.25 8.30
N VAL E 254 -16.68 27.00 8.67
CA VAL E 254 -15.64 26.12 9.19
C VAL E 254 -14.69 25.68 8.08
N ILE E 255 -15.18 25.54 6.85
CA ILE E 255 -14.29 25.25 5.73
C ILE E 255 -13.31 26.40 5.53
N ALA E 256 -13.82 27.64 5.60
CA ALA E 256 -12.93 28.79 5.48
C ALA E 256 -11.92 28.83 6.63
N LEU E 257 -12.37 28.50 7.84
CA LEU E 257 -11.46 28.48 8.98
C LEU E 257 -10.37 27.41 8.80
N ASP E 258 -10.76 26.23 8.31
CA ASP E 258 -9.79 25.17 8.05
C ASP E 258 -8.78 25.59 7.00
N ARG E 259 -9.26 26.22 5.92
CA ARG E 259 -8.35 26.69 4.88
C ARG E 259 -7.40 27.74 5.43
N TYR E 260 -7.91 28.67 6.24
CA TYR E 260 -7.05 29.70 6.82
C TYR E 260 -6.00 29.09 7.73
N TRP E 261 -6.39 28.12 8.56
CA TRP E 261 -5.43 27.47 9.45
C TRP E 261 -4.37 26.73 8.64
N ALA E 262 -4.78 26.01 7.59
CA ALA E 262 -3.82 25.28 6.77
C ALA E 262 -2.85 26.22 6.08
N ILE E 263 -3.35 27.34 5.54
CA ILE E 263 -2.49 28.26 4.82
C ILE E 263 -1.54 28.99 5.77
N THR E 264 -2.02 29.39 6.96
CA THR E 264 -1.20 30.13 7.91
C THR E 264 -0.39 29.19 8.79
N ASN E 265 -1.06 28.31 9.54
CA ASN E 265 -0.38 27.35 10.40
C ASN E 265 -0.20 26.02 9.66
N ALA E 266 0.45 26.12 8.49
CA ALA E 266 0.65 24.94 7.66
C ALA E 266 1.45 23.86 8.37
N ILE E 267 2.24 24.21 9.38
CA ILE E 267 3.06 23.25 10.09
C ILE E 267 2.31 22.74 11.32
N GLU E 268 1.92 23.65 12.21
CA GLU E 268 1.24 23.25 13.43
C GLU E 268 -0.10 22.58 13.12
N TYR E 269 -0.86 23.14 12.18
CA TYR E 269 -2.18 22.60 11.86
C TYR E 269 -2.10 21.23 11.20
N ALA E 270 -0.93 20.84 10.68
CA ALA E 270 -0.80 19.56 10.01
C ALA E 270 -1.10 18.41 10.98
N ARG E 271 -0.59 18.49 12.21
CA ARG E 271 -0.84 17.45 13.19
C ARG E 271 -2.32 17.37 13.55
N LYS E 272 -2.96 18.53 13.72
CA LYS E 272 -4.37 18.55 14.09
C LYS E 272 -5.28 18.21 12.93
N ARG E 273 -4.76 18.24 11.70
CA ARG E 273 -5.56 17.90 10.52
C ARG E 273 -5.78 16.39 10.49
N THR E 274 -6.91 15.95 11.05
CA THR E 274 -7.24 14.53 11.10
C THR E 274 -8.74 14.38 10.99
N ALA E 275 -9.17 13.16 10.68
CA ALA E 275 -10.61 12.88 10.57
C ALA E 275 -11.33 13.24 11.87
N LYS E 276 -10.65 13.11 13.02
CA LYS E 276 -11.28 13.46 14.29
C LYS E 276 -11.63 14.94 14.34
N ARG E 277 -10.72 15.80 13.89
CA ARG E 277 -10.99 17.24 13.90
C ARG E 277 -12.15 17.59 12.95
N ALA E 278 -12.18 16.98 11.77
CA ALA E 278 -13.28 17.23 10.84
C ALA E 278 -14.61 16.77 11.44
N ALA E 279 -14.62 15.61 12.07
CA ALA E 279 -15.84 15.13 12.70
C ALA E 279 -16.28 16.07 13.81
N LEU E 280 -15.34 16.53 14.64
CA LEU E 280 -15.69 17.47 15.70
C LEU E 280 -16.27 18.75 15.12
N MET E 281 -15.68 19.25 14.04
CA MET E 281 -16.21 20.45 13.40
C MET E 281 -17.63 20.23 12.88
N ILE E 282 -17.87 19.07 12.27
CA ILE E 282 -19.20 18.79 11.72
C ILE E 282 -20.23 18.71 12.84
N LEU E 283 -19.89 18.00 13.92
CA LEU E 283 -20.83 17.86 15.03
C LEU E 283 -21.09 19.21 15.71
N THR E 284 -20.06 20.04 15.89
CA THR E 284 -20.30 21.34 16.51
C THR E 284 -21.11 22.26 15.59
N VAL E 285 -20.91 22.16 14.27
CA VAL E 285 -21.73 22.93 13.35
C VAL E 285 -23.19 22.51 13.46
N TRP E 286 -23.44 21.19 13.49
CA TRP E 286 -24.80 20.71 13.64
C TRP E 286 -25.39 21.15 14.98
N THR E 287 -24.57 21.12 16.04
CA THR E 287 -25.03 21.53 17.36
C THR E 287 -25.44 23.00 17.35
N ILE E 288 -24.64 23.86 16.73
CA ILE E 288 -24.98 25.28 16.64
C ILE E 288 -26.27 25.47 15.86
N SER E 289 -26.41 24.72 14.75
CA SER E 289 -27.62 24.84 13.93
C SER E 289 -28.86 24.47 14.74
N ILE E 290 -28.81 23.34 15.45
CA ILE E 290 -29.96 22.94 16.26
C ILE E 290 -30.17 23.91 17.41
N PHE E 291 -29.10 24.50 17.94
CA PHE E 291 -29.23 25.51 18.98
C PHE E 291 -30.06 26.68 18.48
N ILE E 292 -29.76 27.16 17.27
CA ILE E 292 -30.50 28.29 16.73
C ILE E 292 -31.90 27.87 16.31
N SER E 293 -32.11 26.60 15.98
CA SER E 293 -33.36 26.15 15.39
C SER E 293 -34.39 25.64 16.40
N MET E 294 -33.98 25.29 17.63
CA MET E 294 -34.95 24.78 18.58
C MET E 294 -35.92 25.84 19.13
N PRO E 295 -35.49 27.09 19.32
CA PRO E 295 -36.37 28.07 19.99
C PRO E 295 -37.78 28.06 19.43
N PRO E 296 -37.97 28.09 18.10
CA PRO E 296 -39.35 28.07 17.59
C PRO E 296 -40.13 26.84 17.99
N LEU E 297 -39.47 25.69 18.13
CA LEU E 297 -40.14 24.47 18.54
C LEU E 297 -40.67 24.60 19.97
N GLN E 311 -49.64 28.42 3.37
CA GLN E 311 -49.43 29.79 3.84
C GLN E 311 -48.73 29.79 5.19
N CYS E 312 -48.74 28.65 5.87
CA CYS E 312 -48.09 28.55 7.17
C CYS E 312 -46.60 28.84 7.04
N THR E 313 -46.13 29.86 7.75
CA THR E 313 -44.73 30.25 7.71
C THR E 313 -44.32 30.76 9.08
N ILE E 314 -43.00 30.78 9.32
CA ILE E 314 -42.49 31.27 10.59
C ILE E 314 -42.90 32.72 10.78
N GLN E 315 -43.36 33.05 11.98
CA GLN E 315 -43.82 34.39 12.32
C GLN E 315 -42.80 35.07 13.23
N HIS E 316 -42.49 36.33 12.93
CA HIS E 316 -41.53 37.10 13.72
C HIS E 316 -42.23 37.78 14.90
N ASP E 317 -42.80 36.94 15.76
CA ASP E 317 -43.53 37.44 16.92
C ASP E 317 -42.61 37.89 18.05
N HIS E 318 -41.34 37.50 18.02
CA HIS E 318 -40.36 37.87 19.05
C HIS E 318 -39.18 38.55 18.37
N VAL E 319 -39.01 39.84 18.63
CA VAL E 319 -37.91 40.59 18.01
C VAL E 319 -36.57 40.06 18.48
N ILE E 320 -36.45 39.78 19.78
CA ILE E 320 -35.18 39.32 20.33
C ILE E 320 -34.77 38.01 19.69
N TYR E 321 -35.71 37.07 19.56
CA TYR E 321 -35.38 35.76 19.00
C TYR E 321 -34.92 35.89 17.55
N THR E 322 -35.66 36.65 16.74
CA THR E 322 -35.28 36.78 15.33
C THR E 322 -33.94 37.49 15.18
N ILE E 323 -33.71 38.53 15.99
CA ILE E 323 -32.44 39.25 15.91
C ILE E 323 -31.29 38.32 16.27
N TYR E 324 -31.44 37.55 17.37
CA TYR E 324 -30.39 36.64 17.78
C TYR E 324 -30.14 35.57 16.72
N SER E 325 -31.22 35.03 16.15
CA SER E 325 -31.07 33.97 15.15
C SER E 325 -30.37 34.49 13.90
N THR E 326 -30.79 35.66 13.40
CA THR E 326 -30.14 36.19 12.20
C THR E 326 -28.70 36.59 12.47
N LEU E 327 -28.39 37.03 13.70
CA LEU E 327 -27.01 37.33 14.05
C LEU E 327 -26.17 36.07 14.07
N GLY E 328 -26.68 35.01 14.70
CA GLY E 328 -25.90 33.79 14.86
C GLY E 328 -25.96 32.82 13.68
N ALA E 329 -26.76 33.11 12.67
CA ALA E 329 -26.90 32.22 11.51
C ALA E 329 -26.12 32.70 10.30
N PHE E 330 -26.12 33.99 10.04
CA PHE E 330 -25.50 34.52 8.82
C PHE E 330 -24.52 35.66 9.07
N TYR E 331 -24.79 36.50 10.07
CA TYR E 331 -24.00 37.73 10.20
C TYR E 331 -22.63 37.47 10.82
N ILE E 332 -22.57 36.76 11.94
CA ILE E 332 -21.27 36.47 12.55
C ILE E 332 -20.53 35.41 11.74
N PRO E 333 -21.19 34.38 11.18
CA PRO E 333 -20.44 33.53 10.24
C PRO E 333 -19.99 34.28 8.99
N LEU E 334 -20.76 35.28 8.54
CA LEU E 334 -20.31 36.10 7.43
C LEU E 334 -19.08 36.91 7.80
N THR E 335 -19.06 37.47 9.02
CA THR E 335 -17.88 38.20 9.47
C THR E 335 -16.67 37.27 9.55
N LEU E 336 -16.87 36.06 10.07
CA LEU E 336 -15.78 35.09 10.12
C LEU E 336 -15.29 34.74 8.72
N ILE E 337 -16.22 34.53 7.79
CA ILE E 337 -15.85 34.23 6.41
C ILE E 337 -15.00 35.36 5.83
N LEU E 338 -15.46 36.59 5.99
CA LEU E 338 -14.75 37.74 5.43
C LEU E 338 -13.36 37.86 6.04
N ILE E 339 -13.26 37.73 7.37
CA ILE E 339 -11.97 37.88 8.04
C ILE E 339 -11.02 36.77 7.58
N LEU E 340 -11.50 35.53 7.55
CA LEU E 340 -10.63 34.42 7.17
C LEU E 340 -10.17 34.55 5.73
N TYR E 341 -11.06 34.92 4.81
CA TYR E 341 -10.66 35.04 3.42
C TYR E 341 -9.74 36.24 3.20
N TYR E 342 -9.96 37.34 3.93
CA TYR E 342 -9.03 38.46 3.85
C TYR E 342 -7.65 38.06 4.34
N ARG E 343 -7.57 37.32 5.44
CA ARG E 343 -6.29 36.86 5.94
C ARG E 343 -5.62 35.91 4.95
N ILE E 344 -6.42 35.02 4.34
CA ILE E 344 -5.87 34.09 3.35
C ILE E 344 -5.32 34.84 2.16
N TYR E 345 -6.05 35.84 1.67
CA TYR E 345 -5.57 36.64 0.55
C TYR E 345 -4.31 37.39 0.91
N HIS E 346 -4.26 37.95 2.12
CA HIS E 346 -3.06 38.67 2.56
C HIS E 346 -1.86 37.73 2.60
N ALA E 347 -2.05 36.53 3.15
CA ALA E 347 -0.95 35.57 3.19
C ALA E 347 -0.51 35.17 1.80
N ALA E 348 -1.47 34.93 0.89
CA ALA E 348 -1.13 34.51 -0.46
C ALA E 348 -0.36 35.59 -1.20
N LYS E 349 -0.79 36.86 -1.07
CA LYS E 349 -0.11 37.93 -1.79
C LYS E 349 1.23 38.26 -1.15
N SER E 350 1.36 38.09 0.16
CA SER E 350 2.66 38.28 0.80
C SER E 350 3.64 37.19 0.38
N LEU E 351 3.15 35.96 0.26
CA LEU E 351 4.00 34.84 -0.12
C LEU E 351 4.39 34.93 -1.60
N SER E 421 5.20 35.59 -13.18
CA SER E 421 4.29 36.72 -13.37
C SER E 421 3.25 36.77 -12.25
N SER E 422 2.29 37.68 -12.39
CA SER E 422 1.24 37.86 -11.39
C SER E 422 -0.06 37.16 -11.80
N THR E 423 -0.02 36.33 -12.84
CA THR E 423 -1.24 35.64 -13.27
C THR E 423 -1.77 34.70 -12.19
N ARG E 424 -0.89 34.01 -11.48
CA ARG E 424 -1.32 33.11 -10.41
C ARG E 424 -2.01 33.88 -9.28
N GLU E 425 -1.42 34.99 -8.85
CA GLU E 425 -2.04 35.81 -7.82
C GLU E 425 -3.37 36.37 -8.30
N ARG E 426 -3.44 36.79 -9.56
CA ARG E 426 -4.70 37.27 -10.11
C ARG E 426 -5.75 36.19 -10.09
N LYS E 427 -5.39 34.96 -10.46
CA LYS E 427 -6.34 33.85 -10.43
C LYS E 427 -6.81 33.57 -9.01
N ALA E 428 -5.90 33.58 -8.05
CA ALA E 428 -6.29 33.35 -6.66
C ALA E 428 -7.25 34.43 -6.17
N ALA E 429 -6.93 35.69 -6.46
CA ALA E 429 -7.81 36.78 -6.06
C ALA E 429 -9.17 36.67 -6.73
N ARG E 430 -9.19 36.29 -8.02
CA ARG E 430 -10.46 36.11 -8.72
C ARG E 430 -11.28 35.00 -8.09
N ILE E 431 -10.64 33.89 -7.72
CA ILE E 431 -11.37 32.79 -7.09
C ILE E 431 -11.97 33.24 -5.76
N LEU E 432 -11.17 33.92 -4.93
CA LEU E 432 -11.67 34.37 -3.64
C LEU E 432 -12.82 35.37 -3.82
N GLY E 433 -12.66 36.31 -4.74
CA GLY E 433 -13.72 37.27 -4.99
C GLY E 433 -14.98 36.61 -5.51
N LEU E 434 -14.84 35.61 -6.39
CA LEU E 434 -16.00 34.90 -6.89
C LEU E 434 -16.73 34.18 -5.78
N ILE E 435 -15.99 33.51 -4.89
CA ILE E 435 -16.63 32.81 -3.78
C ILE E 435 -17.37 33.80 -2.88
N LEU E 436 -16.70 34.89 -2.52
CA LEU E 436 -17.32 35.87 -1.64
C LEU E 436 -18.56 36.49 -2.28
N GLY E 437 -18.45 36.86 -3.56
CA GLY E 437 -19.59 37.46 -4.24
C GLY E 437 -20.76 36.51 -4.38
N ALA E 438 -20.48 35.23 -4.70
CA ALA E 438 -21.55 34.25 -4.76
C ALA E 438 -22.26 34.13 -3.43
N PHE E 439 -21.49 33.95 -2.35
CA PHE E 439 -22.10 33.80 -1.03
C PHE E 439 -22.93 35.03 -0.67
N ILE E 440 -22.38 36.22 -0.90
CA ILE E 440 -23.08 37.46 -0.54
C ILE E 440 -24.36 37.59 -1.36
N LEU E 441 -24.23 37.62 -2.69
CA LEU E 441 -25.39 37.82 -3.55
C LEU E 441 -26.43 36.71 -3.37
N SER E 442 -26.04 35.56 -2.82
CA SER E 442 -27.01 34.50 -2.60
C SER E 442 -27.74 34.64 -1.26
N TRP E 443 -27.03 34.96 -0.19
CA TRP E 443 -27.63 34.93 1.15
C TRP E 443 -27.98 36.30 1.71
N LEU E 444 -27.11 37.31 1.51
CA LEU E 444 -27.27 38.58 2.21
C LEU E 444 -28.62 39.24 1.95
N PRO E 445 -29.13 39.32 0.73
CA PRO E 445 -30.44 39.97 0.53
C PRO E 445 -31.56 39.32 1.33
N PHE E 446 -31.54 37.98 1.44
CA PHE E 446 -32.59 37.30 2.18
C PHE E 446 -32.55 37.70 3.65
N PHE E 447 -31.37 37.77 4.25
CA PHE E 447 -31.30 38.16 5.65
C PHE E 447 -31.58 39.64 5.84
N ILE E 448 -31.29 40.47 4.83
CA ILE E 448 -31.66 41.87 4.89
C ILE E 448 -33.17 42.02 4.96
N LYS E 449 -33.89 41.34 4.06
CA LYS E 449 -35.34 41.43 4.10
C LYS E 449 -35.92 40.75 5.32
N GLU E 450 -35.24 39.70 5.83
CA GLU E 450 -35.66 39.08 7.08
C GLU E 450 -35.59 40.07 8.24
N LEU E 451 -34.49 40.83 8.32
CA LEU E 451 -34.41 41.88 9.33
C LEU E 451 -35.48 42.94 9.12
N ILE E 452 -35.72 43.31 7.86
CA ILE E 452 -36.71 44.35 7.57
C ILE E 452 -38.09 43.93 8.06
N VAL E 453 -38.49 42.69 7.76
CA VAL E 453 -39.80 42.22 8.16
C VAL E 453 -39.86 42.01 9.67
N GLY E 454 -38.78 41.46 10.25
CA GLY E 454 -38.79 41.22 11.68
C GLY E 454 -38.91 42.49 12.50
N LEU E 455 -38.21 43.55 12.09
CA LEU E 455 -38.27 44.83 12.77
C LEU E 455 -39.45 45.69 12.34
N SER E 456 -40.27 45.20 11.41
CA SER E 456 -41.43 45.94 10.91
C SER E 456 -41.02 47.23 10.18
N ILE E 457 -39.79 47.28 9.67
CA ILE E 457 -39.36 48.46 8.93
C ILE E 457 -40.20 48.64 7.67
N TYR E 458 -40.44 47.55 6.94
CA TYR E 458 -41.25 47.59 5.74
C TYR E 458 -41.93 46.24 5.55
N THR E 459 -43.04 46.24 4.80
CA THR E 459 -43.80 45.03 4.52
C THR E 459 -43.29 44.44 3.22
N VAL E 460 -42.44 43.41 3.32
CA VAL E 460 -41.89 42.78 2.14
C VAL E 460 -42.96 41.93 1.47
N SER E 461 -43.09 42.07 0.16
CA SER E 461 -44.08 41.32 -0.59
C SER E 461 -43.72 39.84 -0.61
N SER E 462 -44.75 39.00 -0.75
CA SER E 462 -44.52 37.56 -0.76
C SER E 462 -43.67 37.13 -1.94
N GLU E 463 -43.91 37.73 -3.11
CA GLU E 463 -43.14 37.36 -4.30
C GLU E 463 -41.66 37.63 -4.11
N VAL E 464 -41.33 38.82 -3.57
CA VAL E 464 -39.92 39.15 -3.33
C VAL E 464 -39.33 38.22 -2.29
N ALA E 465 -40.11 37.90 -1.24
CA ALA E 465 -39.61 36.99 -0.21
C ALA E 465 -39.28 35.63 -0.81
N ASP E 466 -40.15 35.11 -1.66
CA ASP E 466 -39.89 33.81 -2.28
C ASP E 466 -38.70 33.89 -3.23
N PHE E 467 -38.59 34.98 -3.98
CA PHE E 467 -37.45 35.13 -4.88
C PHE E 467 -36.14 35.14 -4.12
N LEU E 468 -36.08 35.86 -3.00
CA LEU E 468 -34.86 35.88 -2.20
C LEU E 468 -34.63 34.53 -1.50
N THR E 469 -35.70 33.84 -1.12
CA THR E 469 -35.56 32.50 -0.56
C THR E 469 -34.88 31.57 -1.55
N TRP E 470 -35.31 31.63 -2.83
CA TRP E 470 -34.69 30.78 -3.83
C TRP E 470 -33.29 31.25 -4.19
N LEU E 471 -33.04 32.56 -4.14
CA LEU E 471 -31.69 33.07 -4.34
C LEU E 471 -30.75 32.57 -3.27
N GLY E 472 -31.24 32.41 -2.04
CA GLY E 472 -30.45 31.78 -0.99
C GLY E 472 -30.34 30.28 -1.16
N TYR E 473 -31.39 29.63 -1.66
CA TYR E 473 -31.35 28.18 -1.87
C TYR E 473 -30.28 27.81 -2.90
N VAL E 474 -30.20 28.57 -3.99
CA VAL E 474 -29.24 28.28 -5.04
C VAL E 474 -27.80 28.31 -4.55
N ASN E 475 -27.57 28.79 -3.31
CA ASN E 475 -26.25 28.67 -2.72
C ASN E 475 -25.84 27.19 -2.61
N SER E 476 -26.81 26.31 -2.34
CA SER E 476 -26.50 24.88 -2.29
C SER E 476 -26.03 24.38 -3.65
N LEU E 477 -26.67 24.84 -4.73
CA LEU E 477 -26.22 24.47 -6.07
C LEU E 477 -24.82 25.02 -6.35
N ILE E 478 -24.57 26.26 -5.94
CA ILE E 478 -23.32 26.92 -6.27
C ILE E 478 -22.15 26.30 -5.52
N ASN E 479 -22.36 25.95 -4.25
CA ASN E 479 -21.23 25.57 -3.39
C ASN E 479 -20.41 24.42 -3.94
N PRO E 480 -20.99 23.31 -4.40
CA PRO E 480 -20.16 22.22 -4.94
C PRO E 480 -19.24 22.67 -6.06
N LEU E 481 -19.72 23.52 -6.97
CA LEU E 481 -18.88 23.97 -8.07
C LEU E 481 -17.70 24.80 -7.56
N LEU E 482 -17.98 25.72 -6.63
CA LEU E 482 -16.90 26.56 -6.11
C LEU E 482 -15.87 25.75 -5.33
N TYR E 483 -16.34 24.79 -4.53
CA TYR E 483 -15.46 24.05 -3.63
C TYR E 483 -14.90 22.78 -4.23
N THR E 484 -15.25 22.44 -5.47
CA THR E 484 -14.73 21.24 -6.11
C THR E 484 -14.12 21.51 -7.47
N SER E 485 -14.68 22.45 -8.25
CA SER E 485 -14.16 22.68 -9.59
C SER E 485 -12.75 23.24 -9.57
N PHE E 486 -12.38 23.95 -8.50
CA PHE E 486 -11.07 24.60 -8.42
C PHE E 486 -9.99 23.69 -7.86
N ASN E 487 -10.31 22.46 -7.48
CA ASN E 487 -9.35 21.51 -6.94
C ASN E 487 -9.00 20.48 -8.00
N GLU E 488 -7.69 20.30 -8.25
CA GLU E 488 -7.27 19.38 -9.28
C GLU E 488 -7.66 17.94 -8.94
N ASP E 489 -7.64 17.58 -7.66
CA ASP E 489 -8.07 16.25 -7.27
C ASP E 489 -9.53 16.03 -7.60
N PHE E 490 -10.38 17.02 -7.32
CA PHE E 490 -11.79 16.90 -7.67
C PHE E 490 -11.97 16.89 -9.18
N LYS E 491 -11.16 17.64 -9.92
CA LYS E 491 -11.21 17.60 -11.37
C LYS E 491 -10.95 16.18 -11.87
N LEU E 492 -9.89 15.55 -11.36
CA LEU E 492 -9.58 14.19 -11.78
C LEU E 492 -10.68 13.22 -11.39
N ALA E 493 -11.23 13.39 -10.18
CA ALA E 493 -12.30 12.50 -9.73
C ALA E 493 -13.51 12.60 -10.64
N PHE E 494 -13.90 13.82 -10.99
CA PHE E 494 -15.04 14.01 -11.89
C PHE E 494 -14.74 13.45 -13.27
N LYS E 495 -13.53 13.66 -13.77
CA LYS E 495 -13.17 13.14 -15.09
C LYS E 495 -13.18 11.61 -15.07
N LYS E 496 -12.75 11.00 -13.96
CA LYS E 496 -12.77 9.54 -13.87
C LYS E 496 -14.19 9.01 -13.99
N LEU E 497 -15.14 9.65 -13.33
CA LEU E 497 -16.54 9.22 -13.37
C LEU E 497 -17.13 9.51 -14.75
#